data_5XPS
#
_entry.id   5XPS
#
_cell.length_a   101.149
_cell.length_b   185.246
_cell.length_c   98.710
_cell.angle_alpha   90.00
_cell.angle_beta   90.00
_cell.angle_gamma   90.00
#
_symmetry.space_group_name_H-M   'C 2 2 21'
#
loop_
_entity.id
_entity.type
_entity.pdbx_description
1 polymer Transketolase
2 non-polymer DI(HYDROXYETHYL)ETHER
3 non-polymer 'THIAMINE DIPHOSPHATE'
4 non-polymer ERYTHOSE-4-PHOSPHATE
5 non-polymer 'CALCIUM ION'
6 water water
#
_entity_poly.entity_id   1
_entity_poly.type   'polypeptide(L)'
_entity_poly.pdbx_seq_one_letter_code
;MGSSHHHHHHSSGLVPRGSHMSSVDQKAISTIRLLAVDAVAAANSGHPGAPLGLAPAAHAVFKKMRFNPKDTKWINRDRF
VLSNGHACALLYSMLVLYGYDLTVEDLKKFRQLGSKTPGHPENTDVPGAEVTTGPLGQGICNGVGIALAQAQFAATYNKP
DFPISDSYTYVFLGDGCLMEGVSSEASSLAGHLQLGNLIAFWDDNKISIDGSTEVAFTEDVIARYKSYGWHIVEVSDADT
DITAIAAAIDEAKKVTNKPTLVRLTTTIGFGSLAQGTHGVHGAPLKADDIKQLKTKWGFNPEESFAVPAEVTASYNEHVA
ENQKIQQQWNELFAAYKQKYPELGAELQRRLDGKLPENWDKALPVYTPADAAVATRKLSEIVLSKIIPEVPEIIGGSADL
TPSNLTKAKGTVDFQPAATGLGDYSGRYIRYGVREHAMGAIMNGIAAFGANYKNYGGTFLNFVSYAAGAVRLSALSEFPI
TWVATHDSIGLGEDGPTHQPIETLAHFRATPNISVWRPADGNETSAAYKSAIESTHTPHILALTRQNLPQLEGSSIEKAS
KGGYTLVQQDKADIIIVATGSEVSLAVDALKVLEGQGIKAGVVSLPDQLTFDKQSEEYKLSVLPDGVPILSVEVMSTFGW
SKYSHQQFGLNRFGASGKAPEIFKLFEFTPEGVAERAAKTVAFYKGKDVVSPLRSAF
;
_entity_poly.pdbx_strand_id   A
#
# COMPACT_ATOMS: atom_id res chain seq x y z
N SER A 23 20.74 -16.87 32.61
CA SER A 23 21.54 -16.01 31.68
C SER A 23 20.78 -14.71 31.35
N VAL A 24 21.52 -13.77 30.78
CA VAL A 24 20.90 -12.51 30.39
C VAL A 24 19.92 -12.74 29.25
N ASP A 25 20.23 -13.67 28.34
CA ASP A 25 19.30 -13.97 27.25
C ASP A 25 17.98 -14.52 27.80
N GLN A 26 18.07 -15.42 28.79
CA GLN A 26 16.84 -15.92 29.42
C GLN A 26 16.07 -14.80 30.08
N LYS A 27 16.78 -13.92 30.78
CA LYS A 27 16.13 -12.79 31.42
C LYS A 27 15.49 -11.86 30.41
N ALA A 28 16.15 -11.62 29.28
CA ALA A 28 15.57 -10.78 28.21
C ALA A 28 14.28 -11.38 27.67
N ILE A 29 14.28 -12.69 27.42
CA ILE A 29 13.07 -13.35 26.89
C ILE A 29 11.94 -13.23 27.90
N SER A 30 12.22 -13.47 29.18
CA SER A 30 11.18 -13.30 30.20
C SER A 30 10.68 -11.86 30.27
N THR A 31 11.61 -10.91 30.15
CA THR A 31 11.23 -9.50 30.18
C THR A 31 10.25 -9.17 29.06
N ILE A 32 10.58 -9.63 27.86
CA ILE A 32 9.71 -9.42 26.69
C ILE A 32 8.34 -10.02 26.93
N ARG A 33 8.31 -11.28 27.34
CA ARG A 33 7.06 -11.97 27.61
C ARG A 33 6.19 -11.22 28.60
N LEU A 34 6.82 -10.78 29.69
CA LEU A 34 6.06 -10.14 30.76
C LEU A 34 5.66 -8.71 30.43
N LEU A 35 6.49 -7.98 29.67
CA LEU A 35 6.04 -6.68 29.17
C LEU A 35 4.79 -6.82 28.32
N ALA A 36 4.78 -7.81 27.45
CA ALA A 36 3.64 -7.99 26.57
C ALA A 36 2.38 -8.35 27.36
N VAL A 37 2.51 -9.29 28.29
CA VAL A 37 1.36 -9.69 29.12
C VAL A 37 0.87 -8.55 29.99
N ASP A 38 1.81 -7.77 30.56
CA ASP A 38 1.42 -6.63 31.40
C ASP A 38 0.74 -5.53 30.58
N ALA A 39 1.15 -5.34 29.34
CA ALA A 39 0.51 -4.36 28.46
C ALA A 39 -0.96 -4.76 28.19
N VAL A 40 -1.16 -6.02 27.83
CA VAL A 40 -2.49 -6.54 27.60
C VAL A 40 -3.33 -6.42 28.89
N ALA A 41 -2.70 -6.72 30.03
CA ALA A 41 -3.41 -6.64 31.31
C ALA A 41 -3.88 -5.23 31.61
N ALA A 42 -3.02 -4.25 31.38
CA ALA A 42 -3.34 -2.84 31.64
C ALA A 42 -4.50 -2.37 30.78
N ALA A 43 -4.52 -2.80 29.52
CA ALA A 43 -5.59 -2.42 28.62
C ALA A 43 -6.88 -3.20 28.87
N ASN A 44 -6.74 -4.35 29.53
CA ASN A 44 -7.80 -5.34 29.59
C ASN A 44 -8.34 -5.66 28.20
N SER A 45 -7.43 -5.74 27.24
CA SER A 45 -7.75 -5.95 25.83
C SER A 45 -6.46 -6.35 25.14
N GLY A 46 -6.57 -7.23 24.16
CA GLY A 46 -5.46 -7.63 23.33
C GLY A 46 -5.05 -9.07 23.44
N HIS A 47 -3.88 -9.35 22.88
CA HIS A 47 -3.53 -10.69 22.45
C HIS A 47 -2.21 -11.12 23.06
N PRO A 48 -2.25 -11.93 24.12
CA PRO A 48 -1.01 -12.30 24.81
C PRO A 48 -0.36 -13.58 24.28
N GLY A 49 -1.10 -14.42 23.54
CA GLY A 49 -0.64 -15.76 23.27
C GLY A 49 0.55 -15.83 22.33
N ALA A 50 0.42 -15.21 21.16
CA ALA A 50 1.52 -15.23 20.20
C ALA A 50 2.74 -14.46 20.71
N PRO A 51 2.56 -13.33 21.43
CA PRO A 51 3.74 -12.71 22.05
C PRO A 51 4.51 -13.64 22.98
N LEU A 52 3.80 -14.39 23.82
CA LEU A 52 4.46 -15.36 24.68
C LEU A 52 5.21 -16.42 23.89
N GLY A 53 4.59 -16.92 22.83
CA GLY A 53 5.21 -17.96 22.02
C GLY A 53 6.37 -17.50 21.17
N LEU A 54 6.34 -16.25 20.74
CA LEU A 54 7.35 -15.72 19.83
C LEU A 54 8.45 -14.91 20.48
N ALA A 55 8.41 -14.72 21.80
CA ALA A 55 9.45 -13.94 22.44
C ALA A 55 10.87 -14.50 22.21
N PRO A 56 11.09 -15.82 22.29
CA PRO A 56 12.45 -16.29 22.02
C PRO A 56 12.89 -15.93 20.59
N ALA A 57 12.03 -16.17 19.61
CA ALA A 57 12.39 -15.85 18.25
C ALA A 57 12.62 -14.35 18.07
N ALA A 58 11.77 -13.52 18.66
CA ALA A 58 11.95 -12.07 18.55
C ALA A 58 13.30 -11.65 19.12
N HIS A 59 13.62 -12.18 20.29
CA HIS A 59 14.93 -11.90 20.89
C HIS A 59 16.07 -12.29 19.93
N ALA A 60 15.99 -13.50 19.39
CA ALA A 60 17.06 -13.98 18.52
C ALA A 60 17.18 -13.17 17.23
N VAL A 61 16.04 -12.87 16.61
N VAL A 61 16.05 -12.86 16.59
CA VAL A 61 16.04 -12.12 15.37
CA VAL A 61 16.10 -12.14 15.32
C VAL A 61 16.59 -10.71 15.57
C VAL A 61 16.55 -10.69 15.52
N PHE A 62 16.07 -10.01 16.58
CA PHE A 62 16.53 -8.64 16.80
C PHE A 62 18.02 -8.59 17.15
N LYS A 63 18.56 -9.62 17.79
CA LYS A 63 20.01 -9.69 18.01
C LYS A 63 20.81 -9.81 16.72
N LYS A 64 20.25 -10.47 15.71
CA LYS A 64 20.90 -10.57 14.40
C LYS A 64 20.69 -9.34 13.53
N MET A 65 19.61 -8.58 13.77
CA MET A 65 19.27 -7.44 12.94
C MET A 65 20.19 -6.23 13.16
N ARG A 66 20.43 -5.51 12.07
CA ARG A 66 21.10 -4.21 12.07
C ARG A 66 20.05 -3.12 11.94
N PHE A 67 20.05 -2.21 12.91
CA PHE A 67 19.05 -1.16 13.00
C PHE A 67 19.57 -0.10 13.96
N ASN A 68 19.07 1.12 13.79
CA ASN A 68 19.37 2.21 14.69
C ASN A 68 18.08 2.75 15.27
N PRO A 69 17.82 2.55 16.58
CA PRO A 69 16.60 3.08 17.19
C PRO A 69 16.49 4.60 17.09
N LYS A 70 17.63 5.29 16.92
CA LYS A 70 17.67 6.73 16.78
C LYS A 70 17.65 7.18 15.31
N ASP A 71 17.63 6.24 14.37
CA ASP A 71 17.48 6.58 12.94
C ASP A 71 16.70 5.46 12.27
N THR A 72 15.38 5.56 12.38
CA THR A 72 14.50 4.56 11.86
C THR A 72 14.49 4.47 10.35
N LYS A 73 15.10 5.44 9.65
CA LYS A 73 15.08 5.49 8.20
C LYS A 73 16.42 5.14 7.55
N TRP A 74 17.41 4.68 8.31
CA TRP A 74 18.69 4.26 7.73
C TRP A 74 18.42 3.28 6.60
N ILE A 75 18.87 3.62 5.40
CA ILE A 75 18.38 2.87 4.23
C ILE A 75 18.91 1.43 4.17
N ASN A 76 20.03 1.18 4.84
CA ASN A 76 20.63 -0.15 4.88
C ASN A 76 20.30 -0.94 6.13
N ARG A 77 19.28 -0.52 6.88
CA ARG A 77 18.82 -1.31 8.00
C ARG A 77 18.23 -2.63 7.52
N ASP A 78 18.35 -3.67 8.35
CA ASP A 78 17.43 -4.81 8.18
C ASP A 78 16.03 -4.35 8.54
N ARG A 79 15.04 -4.89 7.83
CA ARG A 79 13.63 -4.61 8.17
C ARG A 79 13.02 -5.81 8.87
N PHE A 80 12.12 -5.52 9.81
CA PHE A 80 11.29 -6.51 10.48
C PHE A 80 9.83 -6.18 10.22
N VAL A 81 9.04 -7.21 9.92
CA VAL A 81 7.61 -7.07 9.75
C VAL A 81 6.88 -8.11 10.57
N LEU A 82 5.94 -7.65 11.40
CA LEU A 82 5.06 -8.52 12.17
C LEU A 82 3.77 -8.72 11.38
N SER A 83 3.70 -9.77 10.58
CA SER A 83 2.52 -10.03 9.74
C SER A 83 1.32 -10.44 10.57
N ASN A 84 1.57 -11.17 11.66
CA ASN A 84 0.53 -11.50 12.63
C ASN A 84 0.40 -10.32 13.60
N GLY A 85 -0.17 -9.23 13.09
CA GLY A 85 -0.11 -7.94 13.76
C GLY A 85 -0.83 -7.86 15.08
N HIS A 86 -1.79 -8.77 15.31
CA HIS A 86 -2.42 -8.88 16.62
C HIS A 86 -1.40 -9.13 17.73
N ALA A 87 -0.23 -9.68 17.40
CA ALA A 87 0.83 -9.93 18.36
C ALA A 87 1.66 -8.69 18.66
N CYS A 88 1.14 -7.49 18.34
CA CYS A 88 1.95 -6.29 18.46
C CYS A 88 2.44 -5.95 19.83
N ALA A 89 1.87 -6.46 20.93
CA ALA A 89 2.51 -6.22 22.24
C ALA A 89 3.96 -6.70 22.24
N LEU A 90 4.22 -7.77 21.47
CA LEU A 90 5.58 -8.26 21.29
C LEU A 90 6.48 -7.23 20.58
N LEU A 91 6.02 -6.72 19.44
CA LEU A 91 6.78 -5.71 18.72
C LEU A 91 7.04 -4.48 19.58
N TYR A 92 5.99 -3.99 20.24
CA TYR A 92 6.18 -2.79 21.04
C TYR A 92 7.17 -3.03 22.16
N SER A 93 7.15 -4.22 22.76
CA SER A 93 8.11 -4.54 23.81
C SER A 93 9.55 -4.53 23.28
N MET A 94 9.76 -5.08 22.09
CA MET A 94 11.10 -5.02 21.49
C MET A 94 11.56 -3.58 21.26
N LEU A 95 10.67 -2.76 20.71
CA LEU A 95 11.02 -1.38 20.39
C LEU A 95 11.35 -0.60 21.66
N VAL A 96 10.57 -0.82 22.71
CA VAL A 96 10.84 -0.19 24.01
C VAL A 96 12.18 -0.62 24.56
N LEU A 97 12.43 -1.93 24.57
CA LEU A 97 13.67 -2.44 25.14
C LEU A 97 14.91 -1.93 24.42
N TYR A 98 14.79 -1.73 23.11
CA TYR A 98 15.89 -1.24 22.28
C TYR A 98 16.00 0.27 22.22
N GLY A 99 15.12 1.01 22.89
CA GLY A 99 15.27 2.45 22.98
C GLY A 99 14.88 3.20 21.74
N TYR A 100 13.92 2.66 20.99
CA TYR A 100 13.18 3.46 20.02
C TYR A 100 12.43 4.55 20.77
N ASP A 101 11.77 5.44 20.03
CA ASP A 101 10.98 6.54 20.58
C ASP A 101 9.61 6.02 21.05
N LEU A 102 9.68 5.09 21.99
CA LEU A 102 8.53 4.36 22.53
C LEU A 102 9.00 3.89 23.90
N THR A 103 8.21 4.14 24.93
CA THR A 103 8.64 3.90 26.28
C THR A 103 7.71 2.96 27.04
N VAL A 104 8.14 2.55 28.22
CA VAL A 104 7.26 1.80 29.09
C VAL A 104 5.96 2.56 29.38
N GLU A 105 6.02 3.88 29.52
CA GLU A 105 4.80 4.65 29.72
CA GLU A 105 4.80 4.65 29.72
C GLU A 105 3.85 4.51 28.53
N ASP A 106 4.40 4.43 27.32
CA ASP A 106 3.57 4.15 26.14
C ASP A 106 2.96 2.73 26.21
N LEU A 107 3.73 1.76 26.67
CA LEU A 107 3.20 0.39 26.84
CA LEU A 107 3.20 0.39 26.84
C LEU A 107 2.04 0.34 27.82
N LYS A 108 2.12 1.15 28.87
CA LYS A 108 1.03 1.23 29.84
C LYS A 108 -0.26 1.76 29.22
N LYS A 109 -0.14 2.46 28.10
CA LYS A 109 -1.26 3.04 27.37
C LYS A 109 -1.61 2.20 26.12
N PHE A 110 -1.19 0.93 26.11
CA PHE A 110 -1.54 0.02 25.02
C PHE A 110 -3.06 0.06 24.80
N ARG A 111 -3.46 0.20 23.54
CA ARG A 111 -4.88 0.15 23.14
C ARG A 111 -5.72 1.28 23.71
N GLN A 112 -5.10 2.35 24.20
CA GLN A 112 -5.84 3.49 24.73
CA GLN A 112 -5.85 3.49 24.72
C GLN A 112 -5.89 4.62 23.72
N LEU A 113 -7.01 5.31 23.68
CA LEU A 113 -7.23 6.32 22.68
C LEU A 113 -6.08 7.32 22.62
N GLY A 114 -5.54 7.52 21.42
CA GLY A 114 -4.47 8.47 21.18
C GLY A 114 -3.07 8.02 21.52
N SER A 115 -2.91 6.78 21.98
CA SER A 115 -1.58 6.33 22.38
C SER A 115 -0.69 6.00 21.18
N LYS A 116 0.60 5.84 21.47
CA LYS A 116 1.59 5.39 20.49
C LYS A 116 1.66 3.88 20.38
N THR A 117 0.74 3.18 21.07
CA THR A 117 0.71 1.72 21.13
C THR A 117 -0.69 1.22 20.76
N PRO A 118 -1.13 1.48 19.53
CA PRO A 118 -2.46 1.03 19.11
C PRO A 118 -2.55 -0.49 19.05
N GLY A 119 -3.78 -0.98 19.04
CA GLY A 119 -4.03 -2.41 19.09
C GLY A 119 -3.51 -3.25 17.93
N HIS A 120 -3.19 -2.61 16.81
CA HIS A 120 -2.43 -3.22 15.72
C HIS A 120 -1.41 -2.17 15.27
N PRO A 121 -0.25 -2.60 14.76
CA PRO A 121 0.79 -1.61 14.47
C PRO A 121 0.46 -0.74 13.27
N GLU A 122 0.72 0.55 13.41
CA GLU A 122 0.47 1.58 12.39
CA GLU A 122 0.50 1.51 12.34
C GLU A 122 1.80 2.24 12.06
N ASN A 123 2.27 2.16 10.81
CA ASN A 123 3.53 2.81 10.47
C ASN A 123 3.47 4.31 10.62
N THR A 124 2.29 4.94 10.52
CA THR A 124 2.26 6.39 10.65
C THR A 124 2.50 6.86 12.09
N ASP A 125 2.20 5.97 13.06
CA ASP A 125 2.07 6.29 14.49
C ASP A 125 3.20 5.68 15.35
N VAL A 126 3.76 4.56 14.92
CA VAL A 126 4.63 3.74 15.78
C VAL A 126 6.03 3.75 15.21
N PRO A 127 6.99 4.37 15.92
CA PRO A 127 8.37 4.35 15.44
C PRO A 127 8.86 2.90 15.39
N GLY A 128 9.45 2.50 14.25
CA GLY A 128 9.91 1.12 14.09
C GLY A 128 8.90 0.14 13.52
N ALA A 129 7.67 0.59 13.29
CA ALA A 129 6.68 -0.21 12.54
C ALA A 129 6.81 0.14 11.06
N GLU A 130 7.32 -0.80 10.27
CA GLU A 130 7.62 -0.50 8.86
C GLU A 130 6.38 -0.34 8.01
N VAL A 131 5.34 -1.09 8.39
CA VAL A 131 4.09 -1.18 7.67
C VAL A 131 2.98 -1.31 8.69
N THR A 132 1.73 -1.25 8.21
CA THR A 132 0.56 -1.39 9.06
C THR A 132 0.01 -2.79 8.88
N THR A 133 -0.07 -3.55 9.96
CA THR A 133 -0.58 -4.90 9.90
C THR A 133 -1.76 -5.05 10.87
N GLY A 134 -2.32 -6.27 10.95
CA GLY A 134 -3.59 -6.49 11.62
C GLY A 134 -4.56 -7.24 10.70
N PRO A 135 -4.69 -6.78 9.46
CA PRO A 135 -5.38 -7.56 8.44
C PRO A 135 -4.44 -8.68 7.99
N LEU A 136 -4.83 -9.92 8.29
CA LEU A 136 -3.93 -11.05 8.12
C LEU A 136 -3.49 -11.23 6.68
N GLY A 137 -2.28 -11.73 6.51
CA GLY A 137 -1.70 -11.99 5.22
C GLY A 137 -0.93 -10.84 4.62
N GLN A 138 -1.19 -9.61 5.04
CA GLN A 138 -0.62 -8.45 4.40
C GLN A 138 0.88 -8.35 4.67
N GLY A 139 1.29 -8.51 5.92
CA GLY A 139 2.66 -8.23 6.29
C GLY A 139 3.69 -9.07 5.55
N ILE A 140 3.43 -10.36 5.37
CA ILE A 140 4.35 -11.19 4.61
C ILE A 140 4.50 -10.66 3.18
N CYS A 141 3.38 -10.26 2.58
CA CYS A 141 3.46 -9.68 1.25
C CYS A 141 4.23 -8.36 1.22
N ASN A 142 4.00 -7.54 2.26
CA ASN A 142 4.78 -6.32 2.39
C ASN A 142 6.27 -6.63 2.48
N GLY A 143 6.59 -7.70 3.22
CA GLY A 143 7.98 -8.16 3.29
C GLY A 143 8.56 -8.57 1.94
N VAL A 144 7.75 -9.26 1.13
CA VAL A 144 8.16 -9.56 -0.22
C VAL A 144 8.48 -8.26 -0.98
N GLY A 145 7.65 -7.24 -0.83
CA GLY A 145 7.91 -5.97 -1.49
C GLY A 145 9.14 -5.24 -0.97
N ILE A 146 9.36 -5.24 0.34
CA ILE A 146 10.59 -4.65 0.89
C ILE A 146 11.81 -5.37 0.31
N ALA A 147 11.75 -6.70 0.23
CA ALA A 147 12.86 -7.48 -0.30
C ALA A 147 13.04 -7.27 -1.80
N LEU A 148 11.94 -7.14 -2.53
CA LEU A 148 12.01 -6.87 -3.97
C LEU A 148 12.72 -5.53 -4.16
N ALA A 149 12.25 -4.49 -3.45
CA ALA A 149 12.87 -3.18 -3.52
C ALA A 149 14.35 -3.24 -3.15
N GLN A 150 14.70 -3.96 -2.08
CA GLN A 150 16.11 -4.04 -1.70
C GLN A 150 16.96 -4.63 -2.82
N ALA A 151 16.45 -5.68 -3.46
CA ALA A 151 17.20 -6.31 -4.55
C ALA A 151 17.37 -5.34 -5.73
N GLN A 152 16.29 -4.61 -6.06
CA GLN A 152 16.33 -3.68 -7.18
C GLN A 152 17.30 -2.52 -6.86
N PHE A 153 17.21 -2.03 -5.63
CA PHE A 153 18.04 -0.93 -5.16
C PHE A 153 19.51 -1.33 -5.16
N ALA A 154 19.82 -2.50 -4.60
CA ALA A 154 21.20 -2.99 -4.59
C ALA A 154 21.74 -3.17 -6.00
N ALA A 155 20.92 -3.72 -6.90
CA ALA A 155 21.36 -3.90 -8.26
C ALA A 155 21.63 -2.57 -8.94
N THR A 156 20.87 -1.54 -8.59
CA THR A 156 21.01 -0.22 -9.19
C THR A 156 22.26 0.50 -8.70
N TYR A 157 22.56 0.39 -7.41
CA TYR A 157 23.62 1.22 -6.79
C TYR A 157 24.88 0.50 -6.39
N ASN A 158 24.85 -0.78 -6.00
CA ASN A 158 26.07 -1.39 -5.48
C ASN A 158 27.15 -1.46 -6.56
N LYS A 159 28.40 -1.33 -6.10
CA LYS A 159 29.56 -1.40 -6.97
C LYS A 159 30.63 -2.21 -6.24
N PRO A 160 31.69 -2.61 -6.95
CA PRO A 160 32.75 -3.34 -6.26
C PRO A 160 33.32 -2.53 -5.08
N ASP A 161 33.43 -3.17 -3.93
CA ASP A 161 33.85 -2.50 -2.67
C ASP A 161 32.84 -1.50 -2.11
N PHE A 162 31.64 -1.43 -2.71
CA PHE A 162 30.58 -0.52 -2.26
C PHE A 162 29.27 -1.25 -2.11
N PRO A 163 29.13 -2.01 -1.02
CA PRO A 163 27.85 -2.66 -0.70
C PRO A 163 26.91 -1.65 -0.07
N ILE A 164 26.41 -0.75 -0.90
CA ILE A 164 25.50 0.30 -0.42
C ILE A 164 24.24 -0.32 0.19
N SER A 165 23.75 -1.38 -0.41
CA SER A 165 22.55 -2.06 0.09
C SER A 165 22.80 -3.55 0.18
N ASP A 166 22.69 -4.10 1.38
CA ASP A 166 22.89 -5.54 1.59
C ASP A 166 22.05 -6.08 2.73
N SER A 167 20.93 -5.40 2.99
CA SER A 167 20.09 -5.70 4.13
C SER A 167 19.11 -6.83 3.86
N TYR A 168 18.60 -7.36 4.97
CA TYR A 168 17.66 -8.47 5.00
C TYR A 168 16.27 -8.00 5.40
N THR A 169 15.29 -8.85 5.09
CA THR A 169 13.90 -8.60 5.44
C THR A 169 13.43 -9.80 6.26
N TYR A 170 13.11 -9.56 7.51
CA TYR A 170 12.68 -10.58 8.46
C TYR A 170 11.19 -10.43 8.70
N VAL A 171 10.42 -11.53 8.56
CA VAL A 171 8.98 -11.46 8.72
C VAL A 171 8.52 -12.52 9.68
N PHE A 172 7.69 -12.16 10.67
CA PHE A 172 6.97 -13.15 11.45
C PHE A 172 5.55 -13.28 10.92
N LEU A 173 5.06 -14.51 10.87
N LEU A 173 5.07 -14.51 10.77
CA LEU A 173 3.71 -14.76 10.40
CA LEU A 173 3.69 -14.75 10.33
C LEU A 173 3.16 -15.96 11.13
C LEU A 173 3.16 -16.01 10.99
N GLY A 174 1.84 -16.08 11.11
CA GLY A 174 1.16 -17.19 11.76
C GLY A 174 0.29 -17.98 10.82
N ASP A 175 -0.44 -18.92 11.41
CA ASP A 175 -1.34 -19.77 10.64
C ASP A 175 -2.36 -18.96 9.86
N GLY A 176 -2.87 -17.89 10.47
CA GLY A 176 -3.84 -17.04 9.78
C GLY A 176 -3.32 -16.42 8.51
N CYS A 177 -2.09 -15.90 8.57
CA CYS A 177 -1.48 -15.35 7.39
C CYS A 177 -1.32 -16.41 6.30
N LEU A 178 -0.95 -17.64 6.70
CA LEU A 178 -0.76 -18.75 5.76
C LEU A 178 -2.05 -19.25 5.14
N MET A 179 -3.18 -18.99 5.79
CA MET A 179 -4.48 -19.34 5.21
C MET A 179 -4.98 -18.32 4.20
N GLU A 180 -4.60 -17.07 4.37
CA GLU A 180 -5.07 -16.00 3.49
C GLU A 180 -4.43 -16.13 2.13
N GLY A 181 -5.25 -16.14 1.09
CA GLY A 181 -4.75 -16.35 -0.27
C GLY A 181 -3.70 -15.35 -0.71
N VAL A 182 -3.76 -14.13 -0.20
CA VAL A 182 -2.79 -13.13 -0.61
C VAL A 182 -1.36 -13.59 -0.32
N SER A 183 -1.16 -14.31 0.80
CA SER A 183 0.19 -14.76 1.11
C SER A 183 0.66 -15.85 0.17
N SER A 184 -0.24 -16.68 -0.33
CA SER A 184 0.12 -17.68 -1.34
C SER A 184 0.59 -17.01 -2.63
N GLU A 185 -0.17 -16.00 -3.07
CA GLU A 185 0.24 -15.24 -4.25
C GLU A 185 1.65 -14.70 -4.08
N ALA A 186 1.89 -14.00 -2.98
CA ALA A 186 3.18 -13.34 -2.78
C ALA A 186 4.30 -14.35 -2.60
N SER A 187 4.00 -15.50 -1.98
CA SER A 187 5.02 -16.50 -1.73
C SER A 187 5.40 -17.23 -3.03
N SER A 188 4.43 -17.51 -3.88
CA SER A 188 4.72 -18.06 -5.20
C SER A 188 5.64 -17.10 -5.96
N LEU A 189 5.28 -15.82 -5.98
CA LEU A 189 6.06 -14.83 -6.72
C LEU A 189 7.45 -14.65 -6.11
N ALA A 190 7.54 -14.60 -4.78
CA ALA A 190 8.84 -14.43 -4.14
C ALA A 190 9.78 -15.58 -4.43
N GLY A 191 9.24 -16.80 -4.46
CA GLY A 191 10.02 -17.95 -4.84
C GLY A 191 10.50 -17.83 -6.28
N HIS A 192 9.59 -17.49 -7.18
CA HIS A 192 9.97 -17.28 -8.55
C HIS A 192 11.11 -16.24 -8.68
N LEU A 193 11.03 -15.17 -7.90
CA LEU A 193 12.00 -14.09 -7.95
C LEU A 193 13.27 -14.35 -7.17
N GLN A 194 13.39 -15.51 -6.54
CA GLN A 194 14.65 -15.96 -5.93
C GLN A 194 15.15 -14.98 -4.89
N LEU A 195 14.22 -14.47 -4.07
CA LEU A 195 14.52 -13.36 -3.15
C LEU A 195 15.22 -13.88 -1.89
N GLY A 196 16.52 -14.08 -2.02
CA GLY A 196 17.32 -14.68 -0.97
C GLY A 196 17.53 -13.88 0.29
N ASN A 197 17.20 -12.58 0.25
CA ASN A 197 17.35 -11.78 1.46
C ASN A 197 16.06 -11.70 2.28
N LEU A 198 15.03 -12.44 1.87
CA LEU A 198 13.80 -12.58 2.63
C LEU A 198 13.91 -13.83 3.51
N ILE A 199 13.66 -13.64 4.80
CA ILE A 199 13.67 -14.70 5.80
C ILE A 199 12.41 -14.55 6.62
N ALA A 200 11.48 -15.49 6.41
CA ALA A 200 10.21 -15.49 7.12
C ALA A 200 10.20 -16.58 8.17
N PHE A 201 9.42 -16.37 9.24
CA PHE A 201 9.34 -17.28 10.36
C PHE A 201 7.87 -17.57 10.59
N TRP A 202 7.51 -18.83 10.44
CA TRP A 202 6.16 -19.31 10.71
C TRP A 202 6.02 -19.71 12.18
N ASP A 203 5.10 -19.07 12.88
CA ASP A 203 4.76 -19.45 14.23
C ASP A 203 3.86 -20.68 14.19
N ASP A 204 4.50 -21.84 14.24
CA ASP A 204 3.78 -23.11 14.11
C ASP A 204 3.30 -23.54 15.48
N ASN A 205 2.16 -22.99 15.89
CA ASN A 205 1.59 -23.27 17.20
C ASN A 205 0.27 -24.03 17.14
N LYS A 206 -0.22 -24.30 15.94
CA LYS A 206 -1.41 -25.13 15.71
C LYS A 206 -2.68 -24.62 16.37
N ILE A 207 -2.77 -23.31 16.61
CA ILE A 207 -3.94 -22.71 17.25
C ILE A 207 -4.34 -21.44 16.54
N SER A 208 -5.61 -21.35 16.17
CA SER A 208 -6.20 -20.14 15.62
C SER A 208 -7.43 -19.80 16.47
N ILE A 209 -8.24 -18.83 16.05
CA ILE A 209 -9.37 -18.42 16.88
C ILE A 209 -10.39 -19.53 17.08
N ASP A 210 -10.64 -20.32 16.05
CA ASP A 210 -11.62 -21.40 16.14
C ASP A 210 -11.08 -22.65 16.83
N GLY A 211 -9.83 -22.63 17.29
CA GLY A 211 -9.26 -23.76 18.01
C GLY A 211 -8.11 -24.36 17.27
N SER A 212 -7.99 -25.68 17.35
CA SER A 212 -6.91 -26.36 16.68
C SER A 212 -6.93 -26.11 15.18
N THR A 213 -5.74 -25.97 14.59
CA THR A 213 -5.66 -25.95 13.13
C THR A 213 -6.14 -27.27 12.51
N GLU A 214 -6.26 -28.34 13.28
CA GLU A 214 -6.82 -29.56 12.72
C GLU A 214 -8.24 -29.39 12.17
N VAL A 215 -8.98 -28.39 12.63
CA VAL A 215 -10.34 -28.23 12.16
C VAL A 215 -10.46 -27.61 10.77
N ALA A 216 -9.40 -26.96 10.28
CA ALA A 216 -9.51 -26.21 9.02
C ALA A 216 -8.23 -26.08 8.22
N PHE A 217 -7.06 -26.49 8.75
CA PHE A 217 -5.78 -26.12 8.16
C PHE A 217 -4.81 -27.26 8.40
N THR A 218 -4.99 -28.31 7.59
CA THR A 218 -4.24 -29.56 7.71
C THR A 218 -3.28 -29.80 6.55
N GLU A 219 -3.13 -28.82 5.67
CA GLU A 219 -2.17 -28.88 4.58
C GLU A 219 -0.74 -29.04 5.11
N ASP A 220 0.13 -29.55 4.24
CA ASP A 220 1.55 -29.63 4.54
C ASP A 220 2.19 -28.33 4.09
N VAL A 221 2.26 -27.37 5.01
CA VAL A 221 2.77 -26.03 4.72
C VAL A 221 4.20 -26.08 4.16
N ILE A 222 5.04 -26.90 4.80
CA ILE A 222 6.43 -27.00 4.38
C ILE A 222 6.53 -27.51 2.95
N ALA A 223 5.76 -28.54 2.61
CA ALA A 223 5.76 -29.06 1.24
C ALA A 223 5.28 -27.98 0.27
N ARG A 224 4.28 -27.20 0.67
CA ARG A 224 3.81 -26.11 -0.19
C ARG A 224 4.92 -25.09 -0.42
N TYR A 225 5.61 -24.67 0.63
CA TYR A 225 6.68 -23.68 0.46
C TYR A 225 7.83 -24.22 -0.37
N LYS A 226 8.15 -25.51 -0.25
CA LYS A 226 9.14 -26.08 -1.15
C LYS A 226 8.67 -25.99 -2.60
N SER A 227 7.37 -26.19 -2.84
CA SER A 227 6.84 -26.14 -4.20
C SER A 227 6.96 -24.76 -4.83
N TYR A 228 7.01 -23.71 -4.02
CA TYR A 228 7.24 -22.35 -4.49
C TYR A 228 8.72 -22.03 -4.73
N GLY A 229 9.63 -22.92 -4.35
CA GLY A 229 11.05 -22.65 -4.47
C GLY A 229 11.65 -21.97 -3.26
N TRP A 230 11.04 -22.09 -2.09
CA TRP A 230 11.63 -21.57 -0.86
C TRP A 230 12.55 -22.62 -0.23
N HIS A 231 13.55 -22.12 0.49
CA HIS A 231 14.36 -22.94 1.40
C HIS A 231 13.62 -23.05 2.74
N ILE A 232 13.79 -24.17 3.41
CA ILE A 232 13.14 -24.43 4.69
C ILE A 232 14.18 -24.70 5.75
N VAL A 233 13.98 -24.13 6.94
CA VAL A 233 14.69 -24.57 8.15
C VAL A 233 13.62 -24.84 9.21
N GLU A 234 13.71 -25.97 9.91
N GLU A 234 13.71 -25.97 9.90
CA GLU A 234 12.75 -26.30 10.96
CA GLU A 234 12.76 -26.31 10.95
C GLU A 234 13.40 -26.27 12.32
C GLU A 234 13.44 -26.20 12.30
N VAL A 235 12.78 -25.53 13.25
CA VAL A 235 13.23 -25.41 14.63
C VAL A 235 12.15 -26.07 15.51
N SER A 236 12.44 -27.28 15.96
CA SER A 236 11.41 -28.07 16.64
C SER A 236 11.08 -27.61 18.03
N ASP A 237 12.03 -26.94 18.70
CA ASP A 237 11.75 -26.39 20.03
C ASP A 237 12.01 -24.92 20.10
N ALA A 238 11.15 -24.17 19.44
CA ALA A 238 11.30 -22.73 19.39
C ALA A 238 10.78 -22.03 20.66
N ASP A 239 10.25 -22.78 21.64
CA ASP A 239 9.95 -22.19 22.93
C ASP A 239 11.21 -21.87 23.73
N THR A 240 12.32 -22.57 23.46
CA THR A 240 13.55 -22.37 24.22
C THR A 240 14.83 -22.25 23.38
N ASP A 241 14.85 -22.79 22.16
CA ASP A 241 16.12 -23.04 21.47
C ASP A 241 16.53 -21.84 20.61
N ILE A 242 16.95 -20.77 21.27
CA ILE A 242 17.43 -19.60 20.56
C ILE A 242 18.71 -19.86 19.79
N THR A 243 19.51 -20.83 20.22
CA THR A 243 20.70 -21.19 19.47
C THR A 243 20.30 -21.69 18.08
N ALA A 244 19.28 -22.53 18.02
CA ALA A 244 18.82 -23.06 16.75
C ALA A 244 18.15 -21.97 15.90
N ILE A 245 17.45 -21.03 16.52
CA ILE A 245 16.84 -19.94 15.75
C ILE A 245 17.94 -19.08 15.10
N ALA A 246 18.96 -18.74 15.89
CA ALA A 246 20.09 -18.00 15.36
C ALA A 246 20.77 -18.78 14.23
N ALA A 247 20.95 -20.08 14.43
CA ALA A 247 21.58 -20.91 13.39
C ALA A 247 20.74 -20.96 12.12
N ALA A 248 19.41 -20.96 12.28
CA ALA A 248 18.50 -20.95 11.13
C ALA A 248 18.68 -19.68 10.30
N ILE A 249 18.89 -18.55 10.97
CA ILE A 249 19.15 -17.29 10.28
C ILE A 249 20.46 -17.39 9.52
N ASP A 250 21.52 -17.90 10.17
CA ASP A 250 22.79 -18.05 9.49
C ASP A 250 22.66 -18.95 8.25
N GLU A 251 21.91 -20.04 8.38
CA GLU A 251 21.69 -20.95 7.27
C GLU A 251 20.95 -20.25 6.15
N ALA A 252 19.88 -19.52 6.50
CA ALA A 252 19.12 -18.78 5.49
C ALA A 252 19.99 -17.79 4.71
N LYS A 253 20.92 -17.13 5.41
CA LYS A 253 21.79 -16.15 4.76
C LYS A 253 22.73 -16.79 3.74
N LYS A 254 23.04 -18.07 3.91
CA LYS A 254 23.88 -18.78 2.96
C LYS A 254 23.15 -19.16 1.68
N VAL A 255 21.81 -19.21 1.72
CA VAL A 255 21.01 -19.59 0.56
C VAL A 255 20.61 -18.29 -0.13
N THR A 256 21.42 -17.85 -1.08
CA THR A 256 21.24 -16.52 -1.64
C THR A 256 20.22 -16.44 -2.77
N ASN A 257 19.74 -17.58 -3.26
CA ASN A 257 18.81 -17.61 -4.38
C ASN A 257 17.46 -18.16 -4.04
N LYS A 258 17.12 -18.22 -2.75
CA LYS A 258 15.77 -18.65 -2.36
C LYS A 258 15.37 -17.90 -1.12
N PRO A 259 14.12 -17.41 -1.05
CA PRO A 259 13.59 -16.95 0.24
C PRO A 259 13.50 -18.15 1.18
N THR A 260 13.63 -17.91 2.49
CA THR A 260 13.61 -18.99 3.46
C THR A 260 12.40 -18.86 4.38
N LEU A 261 11.76 -20.00 4.64
CA LEU A 261 10.76 -20.12 5.70
C LEU A 261 11.34 -20.94 6.84
N VAL A 262 11.38 -20.32 8.02
CA VAL A 262 11.82 -20.97 9.25
C VAL A 262 10.58 -21.39 10.03
N ARG A 263 10.39 -22.70 10.18
CA ARG A 263 9.27 -23.24 10.96
C ARG A 263 9.64 -23.19 12.43
N LEU A 264 8.95 -22.33 13.18
CA LEU A 264 9.17 -22.21 14.63
C LEU A 264 8.07 -22.98 15.35
N THR A 265 8.37 -24.17 15.84
CA THR A 265 7.33 -24.91 16.58
C THR A 265 7.29 -24.35 18.00
N THR A 266 6.19 -23.67 18.31
CA THR A 266 6.03 -22.99 19.60
C THR A 266 4.73 -23.46 20.26
N THR A 267 4.62 -23.10 21.53
CA THR A 267 3.40 -23.24 22.30
C THR A 267 2.76 -21.86 22.40
N ILE A 268 1.54 -21.69 21.87
CA ILE A 268 0.87 -20.40 22.04
C ILE A 268 0.71 -20.14 23.53
N GLY A 269 1.01 -18.91 23.97
CA GLY A 269 0.88 -18.60 25.38
C GLY A 269 1.88 -19.30 26.27
N PHE A 270 3.02 -19.71 25.73
CA PHE A 270 4.03 -20.44 26.48
C PHE A 270 4.22 -19.88 27.88
N GLY A 271 4.07 -20.75 28.87
CA GLY A 271 4.23 -20.39 30.28
C GLY A 271 2.92 -20.21 31.00
N SER A 272 1.88 -19.76 30.29
CA SER A 272 0.57 -19.56 30.89
C SER A 272 -0.02 -20.88 31.35
N LEU A 273 -0.83 -20.82 32.39
CA LEU A 273 -1.68 -21.96 32.76
C LEU A 273 -2.52 -22.43 31.58
N ALA A 274 -2.88 -21.48 30.71
CA ALA A 274 -3.75 -21.73 29.56
C ALA A 274 -2.95 -21.84 28.25
N GLN A 275 -1.66 -22.12 28.35
CA GLN A 275 -0.86 -22.29 27.15
C GLN A 275 -1.45 -23.38 26.26
N GLY A 276 -1.24 -23.23 24.96
CA GLY A 276 -1.69 -24.26 24.03
C GLY A 276 -3.18 -24.27 23.75
N THR A 277 -3.88 -23.19 24.05
CA THR A 277 -5.34 -23.09 23.86
C THR A 277 -5.73 -21.85 23.10
N HIS A 278 -6.89 -21.90 22.44
CA HIS A 278 -7.37 -20.71 21.75
C HIS A 278 -7.70 -19.57 22.72
N GLY A 279 -8.03 -19.90 23.97
CA GLY A 279 -8.37 -18.86 24.93
C GLY A 279 -7.25 -17.88 25.22
N VAL A 280 -6.00 -18.28 25.00
CA VAL A 280 -4.86 -17.39 25.20
C VAL A 280 -4.53 -16.57 23.96
N HIS A 281 -5.21 -16.83 22.84
CA HIS A 281 -4.95 -16.07 21.62
C HIS A 281 -5.22 -14.57 21.81
N GLY A 282 -6.39 -14.25 22.36
CA GLY A 282 -6.98 -12.93 22.15
C GLY A 282 -7.69 -12.30 23.30
N ALA A 283 -7.38 -12.73 24.51
CA ALA A 283 -7.93 -12.07 25.69
C ALA A 283 -6.88 -12.00 26.76
N PRO A 284 -7.02 -11.04 27.66
CA PRO A 284 -6.07 -10.94 28.76
C PRO A 284 -6.01 -12.20 29.62
N LEU A 285 -4.82 -12.47 30.13
CA LEU A 285 -4.64 -13.56 31.07
C LEU A 285 -5.30 -13.24 32.41
N LYS A 286 -5.61 -14.26 33.17
CA LYS A 286 -6.09 -14.06 34.52
C LYS A 286 -4.95 -13.54 35.41
N ALA A 287 -5.31 -12.76 36.44
CA ALA A 287 -4.30 -12.17 37.30
C ALA A 287 -3.42 -13.22 37.98
N ASP A 288 -4.02 -14.32 38.42
CA ASP A 288 -3.24 -15.39 39.07
C ASP A 288 -2.28 -16.07 38.12
N ASP A 289 -2.67 -16.18 36.84
CA ASP A 289 -1.81 -16.73 35.81
C ASP A 289 -0.57 -15.83 35.67
N ILE A 290 -0.79 -14.53 35.61
CA ILE A 290 0.34 -13.59 35.47
C ILE A 290 1.28 -13.70 36.69
N LYS A 291 0.72 -13.89 37.89
CA LYS A 291 1.57 -14.05 39.06
C LYS A 291 2.47 -15.27 38.94
N GLN A 292 1.91 -16.41 38.52
CA GLN A 292 2.75 -17.62 38.43
C GLN A 292 3.76 -17.54 37.30
N LEU A 293 3.45 -16.80 36.22
CA LEU A 293 4.45 -16.53 35.18
C LEU A 293 5.64 -15.82 35.79
N LYS A 294 5.35 -14.79 36.55
CA LYS A 294 6.43 -13.98 37.12
C LYS A 294 7.29 -14.80 38.07
N THR A 295 6.64 -15.53 38.97
CA THR A 295 7.43 -16.24 39.95
C THR A 295 8.27 -17.34 39.30
N LYS A 296 7.77 -18.04 38.30
CA LYS A 296 8.63 -19.10 37.78
C LYS A 296 9.74 -18.60 36.89
N TRP A 297 9.64 -17.36 36.44
CA TRP A 297 10.71 -16.75 35.67
C TRP A 297 11.59 -15.83 36.50
N GLY A 298 11.38 -15.81 37.81
CA GLY A 298 12.26 -15.05 38.71
C GLY A 298 11.94 -13.58 38.81
N PHE A 299 10.73 -13.17 38.40
CA PHE A 299 10.27 -11.80 38.52
C PHE A 299 9.38 -11.65 39.74
N ASN A 300 9.13 -10.40 40.14
CA ASN A 300 8.31 -10.12 41.29
C ASN A 300 6.83 -10.12 40.85
N PRO A 301 6.01 -11.04 41.38
CA PRO A 301 4.59 -11.08 40.97
C PRO A 301 3.79 -9.84 41.35
N GLU A 302 4.33 -9.02 42.25
CA GLU A 302 3.69 -7.75 42.62
C GLU A 302 4.04 -6.60 41.69
N GLU A 303 4.96 -6.82 40.76
CA GLU A 303 5.48 -5.76 39.90
C GLU A 303 5.00 -5.94 38.47
N SER A 304 4.67 -4.83 37.83
N SER A 304 4.65 -4.81 37.84
CA SER A 304 4.39 -4.86 36.40
CA SER A 304 4.33 -4.79 36.41
C SER A 304 5.32 -3.93 35.64
C SER A 304 5.35 -3.94 35.65
N PHE A 305 5.49 -4.23 34.36
CA PHE A 305 6.35 -3.47 33.45
C PHE A 305 7.81 -3.43 33.92
N ALA A 306 8.29 -4.53 34.48
CA ALA A 306 9.69 -4.60 34.91
C ALA A 306 10.62 -4.64 33.73
N VAL A 307 11.72 -3.85 33.82
CA VAL A 307 12.77 -3.90 32.82
C VAL A 307 14.11 -4.03 33.56
N PRO A 308 14.60 -5.26 33.71
CA PRO A 308 15.88 -5.46 34.39
C PRO A 308 17.00 -4.71 33.70
N ALA A 309 17.83 -4.03 34.47
CA ALA A 309 18.88 -3.22 33.88
C ALA A 309 19.89 -4.06 33.11
N GLU A 310 20.06 -5.33 33.48
CA GLU A 310 20.98 -6.17 32.72
C GLU A 310 20.48 -6.39 31.28
N VAL A 311 19.16 -6.46 31.10
CA VAL A 311 18.58 -6.62 29.76
C VAL A 311 18.82 -5.35 28.95
N THR A 312 18.54 -4.20 29.56
CA THR A 312 18.82 -2.93 28.91
C THR A 312 20.29 -2.85 28.50
N ALA A 313 21.19 -3.25 29.40
CA ALA A 313 22.59 -3.15 29.07
C ALA A 313 22.91 -4.03 27.87
N SER A 314 22.45 -5.27 27.86
CA SER A 314 22.75 -6.20 26.77
C SER A 314 22.21 -5.67 25.44
N TYR A 315 21.00 -5.14 25.47
CA TYR A 315 20.38 -4.61 24.26
C TYR A 315 21.11 -3.35 23.80
N ASN A 316 21.53 -2.51 24.75
CA ASN A 316 22.28 -1.31 24.43
C ASN A 316 23.60 -1.64 23.75
N GLU A 317 24.24 -2.75 24.16
CA GLU A 317 25.49 -3.16 23.50
C GLU A 317 25.26 -3.40 22.00
N HIS A 318 24.17 -4.08 21.69
CA HIS A 318 23.84 -4.40 20.31
C HIS A 318 23.49 -3.12 19.55
N VAL A 319 22.76 -2.19 20.18
CA VAL A 319 22.49 -0.90 19.54
C VAL A 319 23.79 -0.16 19.24
N ALA A 320 24.70 -0.12 20.21
CA ALA A 320 25.95 0.63 20.01
C ALA A 320 26.73 0.03 18.85
N GLU A 321 26.77 -1.30 18.75
CA GLU A 321 27.44 -1.96 17.64
C GLU A 321 26.76 -1.62 16.31
N ASN A 322 25.43 -1.64 16.29
CA ASN A 322 24.70 -1.27 15.09
C ASN A 322 24.93 0.16 14.68
N GLN A 323 25.04 1.06 15.65
CA GLN A 323 25.31 2.46 15.34
C GLN A 323 26.69 2.64 14.74
N LYS A 324 27.68 1.88 15.22
CA LYS A 324 29.00 1.89 14.57
C LYS A 324 28.94 1.36 13.14
N ILE A 325 28.11 0.35 12.89
CA ILE A 325 27.90 -0.15 11.54
C ILE A 325 27.30 0.96 10.67
N GLN A 326 26.27 1.65 11.16
CA GLN A 326 25.71 2.75 10.38
C GLN A 326 26.72 3.88 10.14
N GLN A 327 27.52 4.19 11.14
CA GLN A 327 28.57 5.21 10.99
C GLN A 327 29.52 4.82 9.86
N GLN A 328 29.93 3.55 9.82
CA GLN A 328 30.79 3.09 8.74
C GLN A 328 30.08 3.13 7.39
N TRP A 329 28.79 2.80 7.38
CA TRP A 329 28.00 2.92 6.15
C TRP A 329 27.97 4.38 5.66
N ASN A 330 27.84 5.33 6.58
CA ASN A 330 27.85 6.74 6.17
C ASN A 330 29.18 7.08 5.49
N GLU A 331 30.29 6.57 6.03
CA GLU A 331 31.59 6.82 5.39
C GLU A 331 31.70 6.09 4.04
N LEU A 332 31.14 4.89 3.95
CA LEU A 332 31.09 4.18 2.68
C LEU A 332 30.33 5.00 1.64
N PHE A 333 29.21 5.56 2.04
CA PHE A 333 28.38 6.38 1.16
C PHE A 333 29.13 7.63 0.71
N ALA A 334 29.89 8.26 1.63
CA ALA A 334 30.68 9.41 1.23
C ALA A 334 31.75 9.00 0.20
N ALA A 335 32.40 7.86 0.41
CA ALA A 335 33.40 7.38 -0.53
C ALA A 335 32.78 7.00 -1.87
N TYR A 336 31.56 6.48 -1.82
CA TYR A 336 30.81 6.14 -3.01
C TYR A 336 30.55 7.38 -3.86
N LYS A 337 30.16 8.47 -3.23
CA LYS A 337 29.90 9.72 -3.95
C LYS A 337 31.16 10.26 -4.61
N GLN A 338 32.32 10.02 -4.01
CA GLN A 338 33.56 10.40 -4.65
C GLN A 338 33.88 9.54 -5.86
N LYS A 339 33.73 8.23 -5.71
CA LYS A 339 34.09 7.33 -6.80
C LYS A 339 33.07 7.29 -7.93
N TYR A 340 31.79 7.47 -7.60
CA TYR A 340 30.69 7.37 -8.54
C TYR A 340 29.85 8.64 -8.40
N PRO A 341 30.33 9.76 -8.94
CA PRO A 341 29.67 11.03 -8.61
C PRO A 341 28.21 11.14 -9.06
N GLU A 342 27.89 10.65 -10.26
CA GLU A 342 26.53 10.72 -10.76
C GLU A 342 25.58 9.82 -9.98
N LEU A 343 25.93 8.55 -9.81
CA LEU A 343 25.09 7.64 -9.04
C LEU A 343 24.99 8.12 -7.60
N GLY A 344 26.08 8.64 -7.04
CA GLY A 344 26.05 9.14 -5.68
C GLY A 344 25.09 10.29 -5.50
N ALA A 345 25.09 11.24 -6.44
CA ALA A 345 24.16 12.38 -6.35
C ALA A 345 22.70 11.91 -6.52
N GLU A 346 22.48 10.94 -7.41
CA GLU A 346 21.15 10.35 -7.61
C GLU A 346 20.66 9.70 -6.32
N LEU A 347 21.54 8.91 -5.69
CA LEU A 347 21.20 8.25 -4.45
C LEU A 347 20.93 9.27 -3.35
N GLN A 348 21.76 10.30 -3.22
CA GLN A 348 21.53 11.32 -2.23
C GLN A 348 20.17 12.00 -2.42
N ARG A 349 19.85 12.37 -3.66
CA ARG A 349 18.58 13.01 -3.96
C ARG A 349 17.41 12.14 -3.52
N ARG A 350 17.49 10.85 -3.83
CA ARG A 350 16.44 9.92 -3.44
C ARG A 350 16.31 9.78 -1.93
N LEU A 351 17.42 9.72 -1.23
CA LEU A 351 17.40 9.62 0.24
C LEU A 351 16.89 10.93 0.87
N ASP A 352 17.01 12.03 0.16
CA ASP A 352 16.42 13.31 0.58
C ASP A 352 14.94 13.43 0.27
N GLY A 353 14.39 12.46 -0.45
CA GLY A 353 12.97 12.44 -0.78
C GLY A 353 12.57 13.38 -1.90
N LYS A 354 13.52 13.76 -2.76
CA LYS A 354 13.28 14.73 -3.81
C LYS A 354 13.29 14.05 -5.16
N LEU A 355 12.33 14.39 -6.00
CA LEU A 355 12.35 13.98 -7.40
C LEU A 355 13.41 14.79 -8.17
N PRO A 356 13.81 14.31 -9.36
CA PRO A 356 14.72 15.10 -10.17
C PRO A 356 14.15 16.48 -10.47
N GLU A 357 15.04 17.46 -10.48
CA GLU A 357 14.64 18.82 -10.77
C GLU A 357 13.96 18.89 -12.14
N ASN A 358 12.80 19.50 -12.19
CA ASN A 358 12.05 19.69 -13.44
C ASN A 358 11.70 18.40 -14.16
N TRP A 359 11.53 17.30 -13.41
CA TRP A 359 11.22 16.02 -14.02
C TRP A 359 9.93 16.12 -14.84
N ASP A 360 9.02 16.96 -14.36
CA ASP A 360 7.69 17.06 -14.94
C ASP A 360 7.69 17.71 -16.32
N LYS A 361 8.80 18.32 -16.74
CA LYS A 361 8.91 18.78 -18.11
C LYS A 361 8.87 17.63 -19.13
N ALA A 362 9.09 16.39 -18.68
CA ALA A 362 8.94 15.23 -19.54
C ALA A 362 7.50 14.83 -19.77
N LEU A 363 6.56 15.34 -18.99
CA LEU A 363 5.16 14.95 -19.18
C LEU A 363 4.66 15.42 -20.53
N PRO A 364 4.02 14.53 -21.30
CA PRO A 364 3.47 14.95 -22.58
C PRO A 364 2.32 15.96 -22.44
N VAL A 365 2.26 16.86 -23.41
CA VAL A 365 1.22 17.88 -23.49
C VAL A 365 0.56 17.74 -24.85
N TYR A 366 -0.75 18.02 -24.87
CA TYR A 366 -1.60 17.84 -26.03
C TYR A 366 -2.38 19.09 -26.31
N THR A 367 -2.85 19.21 -27.54
CA THR A 367 -3.76 20.28 -27.92
C THR A 367 -5.01 19.69 -28.51
N PRO A 368 -6.05 20.53 -28.69
CA PRO A 368 -7.29 20.04 -29.26
C PRO A 368 -7.12 19.53 -30.72
N ALA A 369 -6.04 19.91 -31.39
CA ALA A 369 -5.75 19.46 -32.75
C ALA A 369 -5.19 18.05 -32.82
N ASP A 370 -4.76 17.50 -31.70
CA ASP A 370 -4.20 16.16 -31.68
C ASP A 370 -5.28 15.09 -31.76
N ALA A 371 -4.87 13.91 -32.20
CA ALA A 371 -5.76 12.76 -32.36
C ALA A 371 -6.36 12.28 -31.07
N ALA A 372 -7.51 11.64 -31.20
CA ALA A 372 -8.12 10.91 -30.09
C ALA A 372 -7.22 9.73 -29.70
N VAL A 373 -7.15 9.48 -28.39
CA VAL A 373 -6.27 8.44 -27.83
C VAL A 373 -7.01 7.87 -26.61
N ALA A 374 -6.93 6.56 -26.39
CA ALA A 374 -7.44 5.96 -25.14
C ALA A 374 -6.57 6.42 -23.98
N THR A 375 -7.15 6.60 -22.81
CA THR A 375 -6.29 7.02 -21.70
C THR A 375 -5.34 5.89 -21.24
N ARG A 376 -5.62 4.62 -21.54
CA ARG A 376 -4.60 3.60 -21.29
C ARG A 376 -3.36 3.83 -22.16
N LYS A 377 -3.55 4.28 -23.40
CA LYS A 377 -2.43 4.53 -24.30
C LYS A 377 -1.72 5.82 -23.92
N LEU A 378 -2.48 6.83 -23.53
CA LEU A 378 -1.86 8.05 -23.00
C LEU A 378 -0.98 7.72 -21.80
N SER A 379 -1.46 6.83 -20.94
CA SER A 379 -0.66 6.36 -19.78
C SER A 379 0.64 5.70 -20.23
N GLU A 380 0.56 4.80 -21.20
CA GLU A 380 1.77 4.19 -21.77
C GLU A 380 2.76 5.26 -22.20
N ILE A 381 2.26 6.27 -22.91
CA ILE A 381 3.14 7.32 -23.43
C ILE A 381 3.76 8.09 -22.26
N VAL A 382 2.98 8.43 -21.25
CA VAL A 382 3.55 9.10 -20.07
C VAL A 382 4.67 8.27 -19.48
N LEU A 383 4.40 6.99 -19.22
CA LEU A 383 5.41 6.12 -18.62
C LEU A 383 6.67 6.06 -19.47
N SER A 384 6.47 6.01 -20.79
N SER A 384 6.50 6.01 -20.78
CA SER A 384 7.60 5.98 -21.74
CA SER A 384 7.66 5.94 -21.65
C SER A 384 8.51 7.20 -21.59
C SER A 384 8.52 7.20 -21.61
N LYS A 385 7.91 8.34 -21.29
CA LYS A 385 8.66 9.59 -21.13
C LYS A 385 9.27 9.76 -19.75
N ILE A 386 8.59 9.31 -18.70
CA ILE A 386 9.05 9.62 -17.37
C ILE A 386 9.94 8.55 -16.76
N ILE A 387 9.78 7.29 -17.15
CA ILE A 387 10.63 6.21 -16.63
C ILE A 387 12.12 6.51 -16.89
N PRO A 388 12.52 6.95 -18.11
CA PRO A 388 13.95 7.25 -18.30
C PRO A 388 14.45 8.43 -17.49
N GLU A 389 13.56 9.31 -17.07
CA GLU A 389 13.89 10.53 -16.33
C GLU A 389 13.89 10.38 -14.81
N VAL A 390 13.21 9.35 -14.30
CA VAL A 390 12.96 9.22 -12.87
C VAL A 390 13.28 7.79 -12.48
N PRO A 391 14.52 7.53 -12.05
CA PRO A 391 14.95 6.13 -11.83
C PRO A 391 14.19 5.40 -10.73
N GLU A 392 13.64 6.16 -9.78
CA GLU A 392 12.89 5.56 -8.68
C GLU A 392 11.49 5.09 -9.07
N ILE A 393 11.09 5.28 -10.34
CA ILE A 393 9.86 4.64 -10.81
C ILE A 393 10.14 3.20 -11.23
N ILE A 394 9.42 2.26 -10.60
CA ILE A 394 9.37 0.87 -11.06
C ILE A 394 7.91 0.46 -10.99
N GLY A 395 7.54 -0.58 -11.70
CA GLY A 395 6.15 -1.05 -11.60
C GLY A 395 5.92 -2.27 -12.44
N GLY A 396 4.66 -2.68 -12.54
CA GLY A 396 4.35 -3.88 -13.28
C GLY A 396 2.89 -4.00 -13.54
N SER A 397 2.48 -5.20 -13.96
CA SER A 397 1.09 -5.53 -14.19
C SER A 397 0.81 -6.94 -13.70
N ALA A 398 -0.46 -7.16 -13.33
CA ALA A 398 -0.93 -8.48 -12.93
C ALA A 398 -1.39 -9.27 -14.18
N ASP A 399 -0.40 -9.66 -15.00
CA ASP A 399 -0.62 -10.42 -16.23
C ASP A 399 -1.52 -9.68 -17.22
N LEU A 400 -1.43 -8.34 -17.27
CA LEU A 400 -2.20 -7.57 -18.25
C LEU A 400 -1.33 -6.55 -18.94
N THR A 401 -0.05 -6.86 -19.09
CA THR A 401 0.89 -5.91 -19.67
C THR A 401 0.45 -5.37 -21.06
N PRO A 402 0.06 -6.24 -22.01
CA PRO A 402 -0.31 -5.70 -23.33
C PRO A 402 -1.72 -5.11 -23.38
N SER A 403 -2.49 -5.22 -22.30
N SER A 403 -2.45 -5.16 -22.28
CA SER A 403 -3.82 -4.59 -22.20
CA SER A 403 -3.79 -4.62 -22.20
C SER A 403 -3.76 -3.28 -21.43
C SER A 403 -3.80 -3.33 -21.39
N ASN A 404 -3.07 -3.30 -20.28
CA ASN A 404 -2.92 -2.09 -19.49
C ASN A 404 -1.92 -1.10 -20.11
N LEU A 405 -0.98 -1.62 -20.88
CA LEU A 405 0.07 -0.82 -21.56
C LEU A 405 1.02 -0.15 -20.57
N THR A 406 1.47 -0.97 -19.60
CA THR A 406 2.23 -0.51 -18.45
C THR A 406 3.75 -0.61 -18.57
N LYS A 407 4.26 -1.23 -19.64
CA LYS A 407 5.70 -1.38 -19.81
C LYS A 407 6.23 -0.40 -20.85
N ALA A 408 7.26 0.36 -20.47
CA ALA A 408 7.95 1.21 -21.44
C ALA A 408 8.83 0.35 -22.35
N LYS A 409 8.72 0.53 -23.66
CA LYS A 409 9.53 -0.22 -24.62
C LYS A 409 11.01 -0.03 -24.29
N GLY A 410 11.75 -1.14 -24.33
CA GLY A 410 13.19 -1.11 -24.16
C GLY A 410 13.58 -1.54 -22.76
N THR A 411 12.71 -1.32 -21.78
CA THR A 411 13.10 -1.61 -20.42
C THR A 411 13.20 -3.10 -20.18
N VAL A 412 14.01 -3.52 -19.21
N VAL A 412 13.92 -3.42 -19.11
CA VAL A 412 14.05 -4.95 -18.90
CA VAL A 412 14.25 -4.78 -18.72
C VAL A 412 13.34 -5.25 -17.61
C VAL A 412 13.33 -5.21 -17.56
N ASP A 413 12.88 -6.47 -17.55
CA ASP A 413 12.07 -6.93 -16.45
C ASP A 413 12.93 -7.20 -15.23
N PHE A 414 12.32 -6.96 -14.08
CA PHE A 414 12.89 -7.37 -12.80
C PHE A 414 12.74 -8.89 -12.67
N GLN A 415 13.85 -9.59 -12.81
CA GLN A 415 13.92 -11.03 -12.66
C GLN A 415 15.30 -11.35 -12.12
N PRO A 416 15.47 -12.49 -11.44
CA PRO A 416 16.84 -12.92 -11.17
C PRO A 416 17.56 -13.24 -12.47
N ALA A 417 18.79 -12.75 -12.60
CA ALA A 417 19.56 -12.99 -13.82
C ALA A 417 19.69 -14.45 -14.15
N ALA A 418 19.69 -15.32 -13.14
CA ALA A 418 19.80 -16.76 -13.37
C ALA A 418 18.73 -17.28 -14.33
N THR A 419 17.57 -16.62 -14.39
CA THR A 419 16.52 -17.06 -15.27
C THR A 419 16.74 -16.72 -16.74
N GLY A 420 17.62 -15.74 -17.01
CA GLY A 420 17.80 -15.20 -18.37
C GLY A 420 16.66 -14.31 -18.84
N LEU A 421 15.69 -14.01 -17.97
CA LEU A 421 14.48 -13.30 -18.36
C LEU A 421 14.45 -11.84 -17.97
N GLY A 422 15.49 -11.39 -17.26
CA GLY A 422 15.56 -10.06 -16.73
C GLY A 422 16.77 -9.97 -15.83
N ASP A 423 16.80 -8.96 -14.96
CA ASP A 423 17.89 -8.86 -14.00
C ASP A 423 17.22 -8.02 -12.81
N TYR A 424 17.84 -7.99 -11.66
CA TYR A 424 17.37 -7.29 -10.53
C TYR A 424 17.49 -5.81 -10.73
N SER A 425 18.33 -5.33 -11.67
CA SER A 425 18.33 -3.93 -12.03
C SER A 425 17.13 -3.52 -12.88
N GLY A 426 16.33 -4.49 -13.32
CA GLY A 426 15.17 -4.22 -14.14
C GLY A 426 14.12 -3.38 -13.43
N ARG A 427 13.22 -2.86 -14.23
CA ARG A 427 12.24 -1.89 -13.77
C ARG A 427 10.80 -2.29 -13.93
N TYR A 428 10.55 -3.46 -14.54
CA TYR A 428 9.21 -3.90 -14.88
C TYR A 428 8.95 -5.27 -14.26
N ILE A 429 7.88 -5.35 -13.47
CA ILE A 429 7.59 -6.54 -12.67
C ILE A 429 6.42 -7.31 -13.30
N ARG A 430 6.67 -8.60 -13.56
CA ARG A 430 5.63 -9.50 -14.02
C ARG A 430 4.96 -10.10 -12.77
N TYR A 431 3.88 -9.49 -12.33
CA TYR A 431 3.24 -9.93 -11.09
C TYR A 431 2.45 -11.23 -11.27
N GLY A 432 2.14 -11.60 -12.50
CA GLY A 432 1.19 -12.71 -12.72
C GLY A 432 -0.21 -12.32 -12.26
N VAL A 433 -1.12 -13.31 -12.21
CA VAL A 433 -2.53 -13.02 -11.95
C VAL A 433 -2.76 -12.96 -10.42
N ARG A 434 -2.24 -11.86 -9.84
CA ARG A 434 -2.05 -11.77 -8.39
C ARG A 434 -2.32 -10.34 -7.94
N GLU A 435 -3.54 -9.85 -8.14
CA GLU A 435 -3.78 -8.44 -7.87
C GLU A 435 -3.57 -8.09 -6.39
N HIS A 436 -4.09 -8.95 -5.50
CA HIS A 436 -4.03 -8.62 -4.08
C HIS A 436 -2.58 -8.56 -3.59
N ALA A 437 -1.80 -9.58 -3.95
CA ALA A 437 -0.38 -9.54 -3.56
C ALA A 437 0.33 -8.39 -4.25
N MET A 438 0.00 -8.09 -5.51
CA MET A 438 0.60 -6.91 -6.14
C MET A 438 0.35 -5.67 -5.30
N GLY A 439 -0.88 -5.48 -4.83
CA GLY A 439 -1.16 -4.33 -4.01
C GLY A 439 -0.35 -4.26 -2.73
N ALA A 440 -0.20 -5.41 -2.06
CA ALA A 440 0.55 -5.45 -0.81
C ALA A 440 2.06 -5.36 -1.04
N ILE A 441 2.53 -5.93 -2.14
CA ILE A 441 3.94 -5.80 -2.54
C ILE A 441 4.25 -4.34 -2.87
N MET A 442 3.34 -3.66 -3.57
N MET A 442 3.33 -3.66 -3.57
CA MET A 442 3.55 -2.21 -3.81
CA MET A 442 3.49 -2.23 -3.84
C MET A 442 3.71 -1.46 -2.49
C MET A 442 3.64 -1.43 -2.54
N ASN A 443 2.89 -1.79 -1.49
CA ASN A 443 3.04 -1.16 -0.19
C ASN A 443 4.43 -1.40 0.39
N GLY A 444 4.93 -2.65 0.28
CA GLY A 444 6.29 -2.93 0.74
C GLY A 444 7.38 -2.18 -0.02
N ILE A 445 7.24 -2.06 -1.33
CA ILE A 445 8.22 -1.29 -2.12
C ILE A 445 8.22 0.16 -1.64
N ALA A 446 7.03 0.74 -1.43
CA ALA A 446 6.95 2.10 -0.89
C ALA A 446 7.59 2.17 0.49
N ALA A 447 7.32 1.18 1.34
CA ALA A 447 7.85 1.15 2.68
C ALA A 447 9.36 1.07 2.71
N PHE A 448 9.97 0.45 1.70
CA PHE A 448 11.43 0.40 1.64
C PHE A 448 12.02 1.80 1.73
N GLY A 449 11.40 2.73 1.02
CA GLY A 449 11.85 4.11 1.01
C GLY A 449 12.62 4.45 -0.24
N ALA A 450 13.67 5.26 -0.08
CA ALA A 450 14.49 5.70 -1.21
C ALA A 450 13.69 6.33 -2.35
N ASN A 451 12.59 6.98 -1.98
CA ASN A 451 11.76 7.67 -2.92
C ASN A 451 11.11 6.79 -3.97
N TYR A 452 11.03 5.47 -3.76
CA TYR A 452 10.35 4.63 -4.76
C TYR A 452 8.94 5.12 -5.03
N LYS A 453 8.64 5.26 -6.32
CA LYS A 453 7.32 5.64 -6.83
C LYS A 453 6.88 4.48 -7.69
N ASN A 454 6.10 3.56 -7.11
CA ASN A 454 5.85 2.30 -7.80
C ASN A 454 4.39 2.11 -8.14
N TYR A 455 4.15 1.33 -9.20
CA TYR A 455 2.83 1.21 -9.77
C TYR A 455 2.48 -0.22 -10.15
N GLY A 456 1.20 -0.47 -10.32
CA GLY A 456 0.70 -1.81 -10.62
C GLY A 456 -0.51 -1.71 -11.49
N GLY A 457 -0.51 -2.43 -12.62
CA GLY A 457 -1.61 -2.42 -13.55
C GLY A 457 -2.56 -3.60 -13.42
N THR A 458 -3.84 -3.31 -13.54
CA THR A 458 -4.86 -4.34 -13.78
C THR A 458 -6.07 -3.63 -14.34
N PHE A 459 -7.13 -4.38 -14.65
CA PHE A 459 -8.40 -3.75 -14.96
C PHE A 459 -8.99 -3.14 -13.71
N LEU A 460 -9.65 -1.98 -13.83
CA LEU A 460 -10.24 -1.32 -12.68
C LEU A 460 -11.13 -2.30 -11.89
N ASN A 461 -11.94 -3.11 -12.58
CA ASN A 461 -12.85 -3.97 -11.84
C ASN A 461 -12.14 -4.97 -10.95
N PHE A 462 -10.90 -5.33 -11.30
CA PHE A 462 -10.14 -6.28 -10.51
C PHE A 462 -9.19 -5.65 -9.51
N VAL A 463 -9.12 -4.32 -9.45
CA VAL A 463 -8.51 -3.68 -8.28
C VAL A 463 -9.28 -4.14 -7.04
N SER A 464 -10.57 -4.42 -7.20
CA SER A 464 -11.39 -4.89 -6.09
C SER A 464 -10.88 -6.18 -5.45
N TYR A 465 -10.18 -7.04 -6.22
CA TYR A 465 -9.58 -8.24 -5.65
C TYR A 465 -8.54 -7.92 -4.58
N ALA A 466 -7.99 -6.70 -4.67
CA ALA A 466 -6.88 -6.23 -3.84
C ALA A 466 -7.33 -5.23 -2.78
N ALA A 467 -8.64 -5.11 -2.54
CA ALA A 467 -9.14 -4.11 -1.58
C ALA A 467 -8.46 -4.18 -0.22
N GLY A 468 -8.14 -5.39 0.26
CA GLY A 468 -7.48 -5.48 1.58
C GLY A 468 -6.21 -4.65 1.64
N ALA A 469 -5.40 -4.76 0.59
CA ALA A 469 -4.14 -4.01 0.48
C ALA A 469 -4.35 -2.52 0.13
N VAL A 470 -5.29 -2.24 -0.76
CA VAL A 470 -5.52 -0.86 -1.20
C VAL A 470 -5.90 0.01 0.02
N ARG A 471 -6.79 -0.51 0.86
CA ARG A 471 -7.19 0.21 2.04
C ARG A 471 -6.00 0.51 2.94
N LEU A 472 -5.09 -0.46 3.06
CA LEU A 472 -3.88 -0.25 3.81
C LEU A 472 -2.93 0.74 3.15
N SER A 473 -2.92 0.85 1.83
CA SER A 473 -2.14 1.94 1.21
C SER A 473 -2.60 3.30 1.72
N ALA A 474 -3.92 3.46 1.85
CA ALA A 474 -4.51 4.69 2.30
C ALA A 474 -4.21 4.95 3.79
N LEU A 475 -4.42 3.95 4.63
CA LEU A 475 -4.20 4.09 6.08
C LEU A 475 -2.71 4.29 6.39
N SER A 476 -1.84 3.65 5.60
CA SER A 476 -0.39 3.71 5.78
C SER A 476 0.24 4.93 5.13
N GLU A 477 -0.52 5.65 4.32
CA GLU A 477 -0.04 6.87 3.66
C GLU A 477 1.09 6.57 2.69
N PHE A 478 0.95 5.50 1.90
CA PHE A 478 1.98 5.16 0.92
C PHE A 478 1.61 5.66 -0.48
N PRO A 479 2.58 6.29 -1.16
CA PRO A 479 2.36 6.82 -2.50
C PRO A 479 2.57 5.74 -3.57
N ILE A 480 1.63 4.81 -3.60
CA ILE A 480 1.56 3.77 -4.61
C ILE A 480 0.55 4.18 -5.66
N THR A 481 0.64 3.57 -6.84
CA THR A 481 -0.26 3.93 -7.95
C THR A 481 -0.80 2.69 -8.64
N TRP A 482 -2.13 2.62 -8.76
CA TRP A 482 -2.79 1.62 -9.55
C TRP A 482 -3.07 2.19 -10.94
N VAL A 483 -2.62 1.48 -11.98
CA VAL A 483 -2.88 1.83 -13.37
C VAL A 483 -4.05 0.94 -13.78
N ALA A 484 -5.25 1.49 -13.63
CA ALA A 484 -6.48 0.68 -13.59
C ALA A 484 -7.28 0.94 -14.86
N THR A 485 -6.99 0.15 -15.89
CA THR A 485 -7.54 0.39 -17.22
C THR A 485 -8.90 -0.28 -17.38
N HIS A 486 -9.52 -0.09 -18.54
CA HIS A 486 -10.80 -0.74 -18.83
C HIS A 486 -11.85 -0.33 -17.80
N ASP A 487 -11.97 0.99 -17.64
CA ASP A 487 -12.66 1.55 -16.50
C ASP A 487 -14.18 1.41 -16.47
N SER A 488 -14.84 1.05 -17.57
CA SER A 488 -16.30 1.16 -17.61
C SER A 488 -16.87 0.23 -18.65
N ILE A 489 -18.17 0.36 -18.88
CA ILE A 489 -18.84 -0.25 -20.03
C ILE A 489 -18.17 0.06 -21.36
N GLY A 490 -17.36 1.12 -21.43
CA GLY A 490 -16.54 1.40 -22.61
C GLY A 490 -15.61 0.27 -23.02
N LEU A 491 -15.34 -0.68 -22.12
CA LEU A 491 -14.54 -1.83 -22.53
C LEU A 491 -15.31 -2.77 -23.46
N GLY A 492 -16.64 -2.75 -23.43
CA GLY A 492 -17.41 -3.51 -24.42
C GLY A 492 -17.59 -5.00 -24.09
N GLU A 493 -17.12 -5.84 -25.01
CA GLU A 493 -17.59 -7.21 -25.12
C GLU A 493 -17.28 -8.11 -23.94
N ASP A 494 -16.19 -7.86 -23.19
CA ASP A 494 -15.94 -8.72 -22.04
C ASP A 494 -17.08 -8.68 -21.04
N GLY A 495 -17.90 -7.62 -21.01
CA GLY A 495 -19.21 -7.71 -20.36
C GLY A 495 -19.23 -7.40 -18.87
N PRO A 496 -20.37 -7.70 -18.23
CA PRO A 496 -20.63 -7.15 -16.90
C PRO A 496 -19.74 -7.69 -15.79
N THR A 497 -19.14 -8.87 -15.98
CA THR A 497 -18.19 -9.36 -14.99
C THR A 497 -16.90 -8.55 -14.98
N HIS A 498 -16.70 -7.72 -15.99
CA HIS A 498 -15.50 -6.89 -16.14
C HIS A 498 -15.74 -5.41 -15.99
N GLN A 499 -17.00 -4.95 -16.01
CA GLN A 499 -17.32 -3.52 -16.14
C GLN A 499 -17.61 -2.94 -14.77
N PRO A 500 -16.76 -2.02 -14.29
CA PRO A 500 -16.98 -1.38 -12.97
C PRO A 500 -18.30 -0.63 -12.88
N ILE A 501 -18.92 -0.72 -11.71
CA ILE A 501 -20.10 0.07 -11.38
C ILE A 501 -19.87 0.78 -10.03
N GLU A 502 -19.51 -0.02 -9.04
CA GLU A 502 -19.34 0.39 -7.65
C GLU A 502 -17.92 0.83 -7.30
N THR A 503 -16.98 0.60 -8.21
CA THR A 503 -15.57 0.55 -7.84
C THR A 503 -15.04 1.92 -7.45
N LEU A 504 -15.34 2.95 -8.26
CA LEU A 504 -14.88 4.29 -7.89
C LEU A 504 -15.53 4.78 -6.62
N ALA A 505 -16.82 4.49 -6.41
CA ALA A 505 -17.47 4.91 -5.19
C ALA A 505 -16.77 4.31 -3.98
N HIS A 506 -16.45 3.01 -4.07
CA HIS A 506 -15.76 2.30 -2.99
C HIS A 506 -14.46 3.00 -2.59
N PHE A 507 -13.62 3.27 -3.59
CA PHE A 507 -12.32 3.84 -3.29
C PHE A 507 -12.39 5.32 -2.94
N ARG A 508 -13.30 6.09 -3.58
CA ARG A 508 -13.49 7.49 -3.21
C ARG A 508 -14.02 7.64 -1.78
N ALA A 509 -14.80 6.64 -1.32
CA ALA A 509 -15.34 6.63 0.03
C ALA A 509 -14.29 6.23 1.07
N THR A 510 -13.16 5.69 0.63
CA THR A 510 -12.06 5.37 1.51
C THR A 510 -11.26 6.64 1.75
N PRO A 511 -10.97 6.97 3.02
CA PRO A 511 -10.13 8.15 3.26
C PRO A 511 -8.80 8.03 2.55
N ASN A 512 -8.29 9.17 2.07
CA ASN A 512 -6.92 9.25 1.58
C ASN A 512 -6.62 8.38 0.35
N ILE A 513 -7.56 8.34 -0.60
CA ILE A 513 -7.27 7.78 -1.92
C ILE A 513 -7.61 8.80 -2.99
N SER A 514 -6.58 9.19 -3.74
CA SER A 514 -6.80 9.99 -4.95
CA SER A 514 -6.78 10.00 -4.94
C SER A 514 -7.20 9.06 -6.13
N VAL A 515 -8.38 9.35 -6.66
CA VAL A 515 -8.98 8.52 -7.70
C VAL A 515 -9.14 9.38 -8.95
N TRP A 516 -8.11 9.31 -9.79
CA TRP A 516 -8.05 10.11 -11.00
C TRP A 516 -8.75 9.39 -12.13
N ARG A 517 -9.59 10.10 -12.86
CA ARG A 517 -10.29 9.54 -14.01
C ARG A 517 -10.12 10.54 -15.15
N PRO A 518 -8.91 10.58 -15.74
CA PRO A 518 -8.61 11.65 -16.69
C PRO A 518 -9.40 11.51 -17.97
N ALA A 519 -9.76 12.66 -18.53
CA ALA A 519 -10.56 12.68 -19.75
C ALA A 519 -9.74 12.62 -21.03
N ASP A 520 -8.47 13.05 -20.98
CA ASP A 520 -7.73 13.26 -22.22
C ASP A 520 -6.23 13.29 -21.92
N GLY A 521 -5.44 13.67 -22.91
CA GLY A 521 -4.01 13.66 -22.73
C GLY A 521 -3.51 14.59 -21.66
N ASN A 522 -3.95 15.84 -21.64
CA ASN A 522 -3.48 16.74 -20.62
C ASN A 522 -3.88 16.28 -19.22
N GLU A 523 -5.11 15.79 -19.08
CA GLU A 523 -5.53 15.32 -17.76
C GLU A 523 -4.75 14.11 -17.32
N THR A 524 -4.38 13.23 -18.25
CA THR A 524 -3.60 12.03 -17.92
C THR A 524 -2.21 12.44 -17.40
N SER A 525 -1.61 13.46 -18.02
CA SER A 525 -0.34 13.96 -17.51
C SER A 525 -0.49 14.57 -16.12
N ALA A 526 -1.58 15.30 -15.87
CA ALA A 526 -1.81 15.84 -14.52
C ALA A 526 -1.97 14.71 -13.50
N ALA A 527 -2.65 13.64 -13.89
CA ALA A 527 -2.86 12.52 -12.97
C ALA A 527 -1.52 11.90 -12.57
N TYR A 528 -0.64 11.69 -13.54
CA TYR A 528 0.69 11.16 -13.25
C TYR A 528 1.53 12.15 -12.46
N LYS A 529 1.43 13.45 -12.74
CA LYS A 529 2.16 14.41 -11.94
C LYS A 529 1.78 14.25 -10.48
N SER A 530 0.47 14.13 -10.20
CA SER A 530 0.01 13.94 -8.83
C SER A 530 0.51 12.62 -8.24
N ALA A 531 0.40 11.54 -9.02
CA ALA A 531 0.75 10.21 -8.54
C ALA A 531 2.24 10.11 -8.17
N ILE A 532 3.09 10.69 -9.00
CA ILE A 532 4.53 10.59 -8.79
C ILE A 532 5.02 11.56 -7.72
N GLU A 533 4.42 12.75 -7.66
CA GLU A 533 4.78 13.71 -6.62
C GLU A 533 4.28 13.29 -5.24
N SER A 534 3.28 12.43 -5.19
CA SER A 534 2.70 12.03 -3.93
C SER A 534 3.77 11.49 -2.98
N THR A 535 3.61 11.86 -1.70
CA THR A 535 4.41 11.27 -0.64
C THR A 535 3.55 10.56 0.40
N HIS A 536 2.24 10.86 0.47
CA HIS A 536 1.40 10.30 1.54
C HIS A 536 0.05 9.80 1.08
N THR A 537 -0.22 9.77 -0.23
CA THR A 537 -1.56 9.45 -0.71
C THR A 537 -1.49 8.49 -1.88
N PRO A 538 -2.06 7.28 -1.74
CA PRO A 538 -2.11 6.39 -2.88
C PRO A 538 -3.05 6.91 -3.97
N HIS A 539 -2.73 6.52 -5.19
CA HIS A 539 -3.47 6.93 -6.38
C HIS A 539 -4.02 5.72 -7.11
N ILE A 540 -5.24 5.87 -7.62
CA ILE A 540 -5.82 4.95 -8.58
C ILE A 540 -6.13 5.78 -9.83
N LEU A 541 -5.56 5.37 -10.96
CA LEU A 541 -5.78 6.02 -12.24
C LEU A 541 -6.74 5.17 -13.04
N ALA A 542 -7.99 5.63 -13.18
CA ALA A 542 -9.03 4.93 -13.90
C ALA A 542 -8.95 5.35 -15.36
N LEU A 543 -8.59 4.40 -16.23
CA LEU A 543 -8.19 4.67 -17.61
C LEU A 543 -9.06 3.87 -18.57
N THR A 544 -9.21 4.39 -19.78
CA THR A 544 -10.12 3.80 -20.74
C THR A 544 -9.46 2.77 -21.64
N ARG A 545 -10.26 1.79 -22.08
CA ARG A 545 -9.90 0.97 -23.24
C ARG A 545 -10.03 1.75 -24.53
N GLN A 546 -11.12 2.53 -24.63
CA GLN A 546 -11.55 3.18 -25.87
C GLN A 546 -10.98 4.59 -26.03
N ASN A 547 -10.87 5.02 -27.28
CA ASN A 547 -10.34 6.33 -27.60
C ASN A 547 -11.23 7.49 -27.13
N LEU A 548 -10.60 8.58 -26.70
CA LEU A 548 -11.30 9.80 -26.32
C LEU A 548 -10.62 11.00 -27.01
N PRO A 549 -11.40 12.04 -27.34
CA PRO A 549 -10.81 13.21 -27.99
C PRO A 549 -10.00 14.07 -27.04
N GLN A 550 -9.06 14.83 -27.59
CA GLN A 550 -8.41 15.89 -26.81
C GLN A 550 -9.39 17.04 -26.62
N LEU A 551 -9.51 17.52 -25.39
CA LEU A 551 -10.52 18.53 -25.08
C LEU A 551 -10.04 19.96 -25.30
N GLU A 552 -10.93 20.77 -25.85
CA GLU A 552 -10.74 22.21 -25.84
C GLU A 552 -10.87 22.70 -24.40
N GLY A 553 -9.81 23.32 -23.88
CA GLY A 553 -9.83 23.88 -22.53
C GLY A 553 -9.07 23.11 -21.49
N SER A 554 -8.60 21.90 -21.79
CA SER A 554 -7.83 21.16 -20.80
C SER A 554 -6.37 21.61 -20.78
N SER A 555 -5.73 21.42 -19.64
CA SER A 555 -4.30 21.67 -19.46
C SER A 555 -3.86 20.90 -18.26
N ILE A 556 -2.55 20.66 -18.17
CA ILE A 556 -2.00 20.10 -16.94
C ILE A 556 -2.27 21.03 -15.76
N GLU A 557 -2.04 22.33 -15.97
CA GLU A 557 -2.24 23.31 -14.88
C GLU A 557 -3.64 23.23 -14.30
N LYS A 558 -4.67 23.27 -15.14
CA LYS A 558 -6.02 23.30 -14.62
C LYS A 558 -6.40 21.94 -14.04
N ALA A 559 -6.02 20.85 -14.72
CA ALA A 559 -6.38 19.52 -14.23
C ALA A 559 -5.70 19.19 -12.91
N SER A 560 -4.55 19.81 -12.65
N SER A 560 -4.54 19.78 -12.66
CA SER A 560 -3.84 19.62 -11.37
CA SER A 560 -3.84 19.57 -11.39
C SER A 560 -4.63 20.08 -10.16
C SER A 560 -4.60 20.11 -10.16
N LYS A 561 -5.65 20.90 -10.38
CA LYS A 561 -6.54 21.33 -9.32
C LYS A 561 -7.60 20.31 -8.96
N GLY A 562 -7.64 19.19 -9.67
CA GLY A 562 -8.59 18.11 -9.38
C GLY A 562 -9.94 18.30 -10.01
N GLY A 563 -10.44 19.53 -10.02
CA GLY A 563 -11.65 19.92 -10.71
C GLY A 563 -11.46 21.30 -11.25
N TYR A 564 -12.02 21.56 -12.43
CA TYR A 564 -11.85 22.87 -13.07
C TYR A 564 -12.96 23.12 -14.06
N THR A 565 -13.15 24.39 -14.35
CA THR A 565 -14.11 24.81 -15.35
C THR A 565 -13.52 24.59 -16.73
N LEU A 566 -14.07 23.64 -17.47
CA LEU A 566 -13.62 23.36 -18.81
C LEU A 566 -14.24 24.33 -19.82
N VAL A 567 -15.57 24.49 -19.73
CA VAL A 567 -16.31 25.43 -20.56
C VAL A 567 -17.05 26.36 -19.60
N GLN A 568 -16.64 27.64 -19.60
CA GLN A 568 -17.28 28.67 -18.78
C GLN A 568 -18.45 29.26 -19.56
N GLN A 569 -19.58 29.38 -18.90
CA GLN A 569 -20.77 29.99 -19.48
C GLN A 569 -21.33 30.95 -18.45
N ASP A 570 -21.14 32.26 -18.66
CA ASP A 570 -21.59 33.25 -17.68
C ASP A 570 -23.09 33.32 -17.49
N LYS A 571 -23.85 32.89 -18.48
CA LYS A 571 -25.31 32.88 -18.31
C LYS A 571 -25.84 31.47 -18.27
N ALA A 572 -25.15 30.59 -17.55
CA ALA A 572 -25.49 29.19 -17.61
C ALA A 572 -26.86 28.93 -16.99
N ASP A 573 -27.65 28.14 -17.71
CA ASP A 573 -28.87 27.55 -17.15
C ASP A 573 -28.59 26.30 -16.34
N ILE A 574 -27.43 25.68 -16.60
CA ILE A 574 -27.03 24.44 -15.94
C ILE A 574 -25.53 24.31 -16.09
N ILE A 575 -24.87 23.66 -15.15
CA ILE A 575 -23.50 23.21 -15.28
C ILE A 575 -23.53 21.68 -15.26
N ILE A 576 -22.80 21.08 -16.20
CA ILE A 576 -22.63 19.63 -16.24
C ILE A 576 -21.24 19.33 -15.72
N VAL A 577 -21.15 18.53 -14.66
CA VAL A 577 -19.87 18.10 -14.11
C VAL A 577 -19.68 16.63 -14.47
N ALA A 578 -18.50 16.31 -14.98
CA ALA A 578 -18.26 14.97 -15.51
C ALA A 578 -16.79 14.59 -15.30
N THR A 579 -16.51 13.31 -15.50
CA THR A 579 -15.15 12.77 -15.44
C THR A 579 -14.86 11.92 -16.65
N GLY A 580 -13.57 11.75 -16.94
CA GLY A 580 -13.14 10.73 -17.87
C GLY A 580 -13.84 10.79 -19.20
N SER A 581 -14.29 9.62 -19.67
CA SER A 581 -14.98 9.50 -20.92
C SER A 581 -16.26 10.32 -21.02
N GLU A 582 -16.85 10.71 -19.89
CA GLU A 582 -18.10 11.46 -19.92
C GLU A 582 -17.90 12.97 -20.07
N VAL A 583 -16.67 13.46 -20.01
CA VAL A 583 -16.46 14.90 -20.25
C VAL A 583 -16.74 15.26 -21.71
N SER A 584 -16.20 14.46 -22.64
CA SER A 584 -16.48 14.67 -24.05
C SER A 584 -17.98 14.55 -24.34
N LEU A 585 -18.62 13.61 -23.66
CA LEU A 585 -20.06 13.44 -23.78
C LEU A 585 -20.81 14.72 -23.35
N ALA A 586 -20.37 15.28 -22.22
CA ALA A 586 -20.97 16.52 -21.72
C ALA A 586 -20.79 17.67 -22.71
N VAL A 587 -19.59 17.79 -23.29
CA VAL A 587 -19.34 18.82 -24.30
C VAL A 587 -20.26 18.65 -25.51
N ASP A 588 -20.45 17.42 -25.97
CA ASP A 588 -21.39 17.17 -27.06
C ASP A 588 -22.82 17.50 -26.65
N ALA A 589 -23.19 17.18 -25.41
CA ALA A 589 -24.51 17.51 -24.90
C ALA A 589 -24.74 19.02 -24.86
N LEU A 590 -23.70 19.79 -24.53
CA LEU A 590 -23.81 21.23 -24.52
C LEU A 590 -24.32 21.74 -25.88
N LYS A 591 -23.80 21.18 -26.96
CA LYS A 591 -24.21 21.58 -28.29
C LYS A 591 -25.68 21.22 -28.58
N VAL A 592 -26.11 20.03 -28.17
CA VAL A 592 -27.53 19.65 -28.29
C VAL A 592 -28.40 20.64 -27.50
N LEU A 593 -27.98 20.97 -26.29
CA LEU A 593 -28.72 21.89 -25.44
C LEU A 593 -28.84 23.27 -26.05
N GLU A 594 -27.77 23.75 -26.68
CA GLU A 594 -27.80 25.05 -27.34
C GLU A 594 -28.95 25.11 -28.36
N GLY A 595 -29.18 24.02 -29.10
CA GLY A 595 -30.32 23.93 -30.02
C GLY A 595 -31.70 23.91 -29.36
N GLN A 596 -31.71 23.61 -28.05
CA GLN A 596 -32.96 23.53 -27.32
C GLN A 596 -33.12 24.88 -26.56
N GLY A 597 -32.21 25.83 -26.77
CA GLY A 597 -32.25 27.12 -26.06
C GLY A 597 -31.74 27.09 -24.63
N ILE A 598 -30.90 26.11 -24.30
CA ILE A 598 -30.36 25.96 -22.96
C ILE A 598 -28.86 26.14 -23.03
N LYS A 599 -28.34 27.01 -22.17
CA LYS A 599 -26.92 27.31 -22.11
C LYS A 599 -26.28 26.53 -20.96
N ALA A 600 -25.29 25.70 -21.29
CA ALA A 600 -24.60 24.90 -20.27
C ALA A 600 -23.14 25.27 -20.14
N GLY A 601 -22.62 25.16 -18.93
CA GLY A 601 -21.18 25.10 -18.69
C GLY A 601 -20.76 23.66 -18.45
N VAL A 602 -19.46 23.39 -18.55
CA VAL A 602 -18.91 22.06 -18.27
C VAL A 602 -17.77 22.17 -17.28
N VAL A 603 -17.82 21.34 -16.26
CA VAL A 603 -16.75 21.14 -15.31
C VAL A 603 -16.19 19.74 -15.50
N SER A 604 -14.86 19.65 -15.54
CA SER A 604 -14.17 18.35 -15.49
C SER A 604 -13.63 18.14 -14.08
N LEU A 605 -13.88 16.94 -13.53
CA LEU A 605 -13.51 16.62 -12.14
C LEU A 605 -12.60 15.39 -12.10
N PRO A 606 -11.40 15.49 -12.66
CA PRO A 606 -10.55 14.31 -12.76
C PRO A 606 -10.15 13.67 -11.43
N ASP A 607 -10.05 14.43 -10.33
CA ASP A 607 -9.85 13.80 -9.02
C ASP A 607 -10.61 14.53 -7.95
N GLN A 608 -11.61 13.85 -7.37
CA GLN A 608 -12.41 14.45 -6.31
C GLN A 608 -11.60 14.78 -5.06
N LEU A 609 -10.62 13.94 -4.69
CA LEU A 609 -9.83 14.24 -3.49
C LEU A 609 -9.03 15.51 -3.67
N THR A 610 -8.29 15.60 -4.78
CA THR A 610 -7.50 16.80 -5.06
C THR A 610 -8.40 18.02 -5.09
N PHE A 611 -9.55 17.91 -5.74
CA PHE A 611 -10.49 19.02 -5.76
C PHE A 611 -10.90 19.45 -4.36
N ASP A 612 -11.26 18.48 -3.54
CA ASP A 612 -11.72 18.75 -2.17
C ASP A 612 -10.68 19.52 -1.36
N LYS A 613 -9.41 19.28 -1.64
CA LYS A 613 -8.30 19.94 -0.95
C LYS A 613 -8.04 21.36 -1.38
N GLN A 614 -8.67 21.82 -2.46
CA GLN A 614 -8.50 23.21 -2.90
C GLN A 614 -9.24 24.16 -1.97
N SER A 615 -8.96 25.46 -2.09
CA SER A 615 -9.61 26.43 -1.23
C SER A 615 -11.11 26.46 -1.49
N GLU A 616 -11.85 26.87 -0.47
CA GLU A 616 -13.30 27.04 -0.59
C GLU A 616 -13.66 27.95 -1.76
N GLU A 617 -12.93 29.05 -1.90
CA GLU A 617 -13.23 29.99 -2.96
C GLU A 617 -12.93 29.40 -4.32
N TYR A 618 -11.82 28.66 -4.47
CA TYR A 618 -11.56 28.00 -5.75
C TYR A 618 -12.71 27.05 -6.08
N LYS A 619 -13.09 26.23 -5.11
CA LYS A 619 -14.12 25.23 -5.36
C LYS A 619 -15.43 25.88 -5.76
N LEU A 620 -15.79 26.97 -5.09
CA LEU A 620 -17.02 27.70 -5.44
C LEU A 620 -16.95 28.38 -6.80
N SER A 621 -15.75 28.72 -7.27
CA SER A 621 -15.59 29.25 -8.63
C SER A 621 -15.91 28.19 -9.69
N VAL A 622 -15.73 26.92 -9.32
CA VAL A 622 -16.01 25.80 -10.21
C VAL A 622 -17.47 25.36 -10.10
N LEU A 623 -18.00 25.32 -8.88
CA LEU A 623 -19.37 24.89 -8.59
C LEU A 623 -20.06 26.02 -7.83
N PRO A 624 -20.49 27.06 -8.56
CA PRO A 624 -21.06 28.25 -7.89
C PRO A 624 -22.48 28.04 -7.39
N ASP A 625 -22.93 28.95 -6.53
CA ASP A 625 -24.33 29.09 -6.19
C ASP A 625 -25.14 29.55 -7.41
N GLY A 626 -26.46 29.33 -7.35
CA GLY A 626 -27.37 29.97 -8.29
C GLY A 626 -27.57 29.28 -9.62
N VAL A 627 -27.11 28.03 -9.73
CA VAL A 627 -27.25 27.31 -10.98
C VAL A 627 -27.36 25.82 -10.72
N PRO A 628 -28.33 25.13 -11.32
CA PRO A 628 -28.38 23.68 -11.15
C PRO A 628 -27.14 23.01 -11.73
N ILE A 629 -26.74 21.93 -11.09
CA ILE A 629 -25.56 21.19 -11.50
C ILE A 629 -25.96 19.71 -11.63
N LEU A 630 -25.65 19.14 -12.81
CA LEU A 630 -25.91 17.74 -13.14
C LEU A 630 -24.58 17.03 -13.27
N SER A 631 -24.41 15.90 -12.57
CA SER A 631 -23.23 15.06 -12.80
C SER A 631 -23.50 13.98 -13.84
N VAL A 632 -22.43 13.62 -14.56
CA VAL A 632 -22.49 12.56 -15.56
C VAL A 632 -21.22 11.71 -15.45
N GLU A 633 -21.41 10.42 -15.13
CA GLU A 633 -20.30 9.47 -15.02
C GLU A 633 -20.97 8.11 -15.13
N VAL A 634 -20.44 7.22 -15.98
CA VAL A 634 -21.13 5.97 -16.33
C VAL A 634 -20.91 4.84 -15.33
N MET A 635 -21.13 5.15 -14.05
N MET A 635 -21.09 5.19 -14.04
CA MET A 635 -21.05 4.17 -12.98
CA MET A 635 -20.86 4.33 -12.88
C MET A 635 -21.78 4.78 -11.78
C MET A 635 -21.81 4.76 -11.80
N SER A 636 -21.63 4.23 -10.59
CA SER A 636 -22.49 4.57 -9.47
C SER A 636 -22.62 6.07 -9.27
N THR A 637 -23.81 6.51 -8.89
CA THR A 637 -24.02 7.88 -8.50
C THR A 637 -23.58 8.21 -7.06
N PHE A 638 -23.14 7.21 -6.29
CA PHE A 638 -22.71 7.49 -4.92
C PHE A 638 -21.56 8.50 -4.88
N GLY A 639 -21.63 9.42 -3.92
CA GLY A 639 -20.66 10.49 -3.77
C GLY A 639 -20.96 11.75 -4.56
N TRP A 640 -21.69 11.60 -5.68
CA TRP A 640 -21.79 12.70 -6.61
C TRP A 640 -22.61 13.87 -6.12
N SER A 641 -23.48 13.67 -5.14
CA SER A 641 -24.21 14.76 -4.53
C SER A 641 -23.31 15.74 -3.79
N LYS A 642 -22.05 15.42 -3.53
CA LYS A 642 -21.12 16.40 -3.02
C LYS A 642 -20.95 17.57 -4.01
N TYR A 643 -21.16 17.31 -5.30
CA TYR A 643 -20.77 18.21 -6.38
C TYR A 643 -21.92 18.60 -7.28
N SER A 644 -23.10 18.03 -7.06
CA SER A 644 -24.19 18.17 -8.00
C SER A 644 -25.52 18.11 -7.27
N HIS A 645 -26.56 18.65 -7.92
CA HIS A 645 -27.94 18.56 -7.47
C HIS A 645 -28.66 17.31 -8.00
N GLN A 646 -28.36 16.95 -9.23
CA GLN A 646 -28.94 15.76 -9.86
C GLN A 646 -27.77 14.95 -10.43
N GLN A 647 -27.96 13.63 -10.52
CA GLN A 647 -26.88 12.74 -10.95
C GLN A 647 -27.37 11.79 -12.01
N PHE A 648 -26.67 11.75 -13.15
CA PHE A 648 -26.90 10.76 -14.19
C PHE A 648 -25.75 9.78 -14.14
N GLY A 649 -26.04 8.57 -13.66
CA GLY A 649 -25.05 7.53 -13.56
C GLY A 649 -25.63 6.21 -13.97
N LEU A 650 -24.86 5.15 -13.72
CA LEU A 650 -25.21 3.77 -14.05
C LEU A 650 -25.17 2.97 -12.75
N ASN A 651 -26.35 2.56 -12.27
CA ASN A 651 -26.50 1.93 -10.96
C ASN A 651 -26.99 0.49 -11.12
N ARG A 652 -26.79 -0.08 -12.28
CA ARG A 652 -27.08 -1.49 -12.59
C ARG A 652 -25.83 -2.07 -13.24
N PHE A 653 -25.76 -3.40 -13.33
CA PHE A 653 -24.64 -4.01 -14.02
C PHE A 653 -24.70 -3.75 -15.53
N GLY A 654 -23.57 -3.99 -16.19
CA GLY A 654 -23.43 -3.69 -17.61
C GLY A 654 -23.96 -4.77 -18.53
N ALA A 655 -23.26 -4.97 -19.63
CA ALA A 655 -23.75 -5.83 -20.72
C ALA A 655 -22.59 -6.24 -21.60
N SER A 656 -22.72 -7.35 -22.30
CA SER A 656 -21.71 -7.80 -23.24
C SER A 656 -22.12 -7.44 -24.66
N GLY A 657 -21.42 -6.48 -25.24
CA GLY A 657 -21.68 -6.03 -26.59
C GLY A 657 -20.65 -4.99 -26.97
N LYS A 658 -20.73 -4.49 -28.20
CA LYS A 658 -19.84 -3.43 -28.66
C LYS A 658 -20.09 -2.19 -27.82
N ALA A 659 -19.03 -1.57 -27.34
CA ALA A 659 -19.18 -0.49 -26.37
C ALA A 659 -20.14 0.63 -26.79
N PRO A 660 -20.06 1.13 -28.03
CA PRO A 660 -21.00 2.23 -28.37
C PRO A 660 -22.47 1.84 -28.24
N GLU A 661 -22.77 0.56 -28.49
CA GLU A 661 -24.12 0.08 -28.34
C GLU A 661 -24.57 0.03 -26.88
N ILE A 662 -23.62 -0.23 -25.98
CA ILE A 662 -23.95 -0.25 -24.56
C ILE A 662 -24.25 1.19 -24.09
N PHE A 663 -23.38 2.14 -24.48
CA PHE A 663 -23.66 3.54 -24.17
C PHE A 663 -25.05 3.96 -24.66
N LYS A 664 -25.39 3.59 -25.89
CA LYS A 664 -26.70 3.92 -26.44
C LYS A 664 -27.81 3.27 -25.62
N LEU A 665 -27.66 2.01 -25.26
CA LEU A 665 -28.68 1.29 -24.48
C LEU A 665 -29.02 2.05 -23.19
N PHE A 666 -27.99 2.53 -22.51
CA PHE A 666 -28.19 3.22 -21.23
C PHE A 666 -28.37 4.73 -21.37
N GLU A 667 -28.47 5.22 -22.61
CA GLU A 667 -28.77 6.61 -22.90
C GLU A 667 -27.66 7.58 -22.50
N PHE A 668 -26.43 7.06 -22.43
CA PHE A 668 -25.24 7.89 -22.27
C PHE A 668 -24.81 8.36 -23.66
N THR A 669 -25.62 9.26 -24.18
CA THR A 669 -25.49 9.83 -25.50
C THR A 669 -25.67 11.35 -25.35
N PRO A 670 -25.26 12.14 -26.35
CA PRO A 670 -25.46 13.58 -26.21
C PRO A 670 -26.94 13.94 -25.98
N GLU A 671 -27.83 13.24 -26.67
CA GLU A 671 -29.26 13.50 -26.54
C GLU A 671 -29.77 13.05 -25.17
N GLY A 672 -29.27 11.92 -24.67
CA GLY A 672 -29.72 11.43 -23.37
C GLY A 672 -29.29 12.35 -22.23
N VAL A 673 -28.06 12.83 -22.31
CA VAL A 673 -27.57 13.80 -21.34
C VAL A 673 -28.36 15.10 -21.45
N ALA A 674 -28.57 15.57 -22.68
CA ALA A 674 -29.32 16.80 -22.86
C ALA A 674 -30.73 16.69 -22.29
N GLU A 675 -31.37 15.54 -22.50
CA GLU A 675 -32.74 15.37 -21.98
C GLU A 675 -32.77 15.53 -20.46
N ARG A 676 -31.83 14.89 -19.79
CA ARG A 676 -31.74 14.95 -18.35
C ARG A 676 -31.34 16.35 -17.86
N ALA A 677 -30.48 17.02 -18.62
CA ALA A 677 -30.14 18.41 -18.31
C ALA A 677 -31.35 19.32 -18.44
N ALA A 678 -32.13 19.16 -19.50
CA ALA A 678 -33.34 19.95 -19.67
C ALA A 678 -34.34 19.69 -18.53
N LYS A 679 -34.50 18.42 -18.16
CA LYS A 679 -35.38 18.08 -17.03
C LYS A 679 -34.88 18.71 -15.72
N THR A 680 -33.55 18.74 -15.54
CA THR A 680 -32.97 19.37 -14.36
C THR A 680 -33.27 20.87 -14.32
N VAL A 681 -33.09 21.56 -15.44
CA VAL A 681 -33.43 22.99 -15.52
C VAL A 681 -34.91 23.19 -15.13
N ALA A 682 -35.80 22.37 -15.71
CA ALA A 682 -37.22 22.50 -15.42
C ALA A 682 -37.55 22.23 -13.95
N PHE A 683 -36.90 21.25 -13.35
CA PHE A 683 -37.12 20.87 -11.96
C PHE A 683 -36.78 22.00 -11.00
N TYR A 684 -35.79 22.83 -11.36
CA TYR A 684 -35.39 23.94 -10.51
C TYR A 684 -36.01 25.29 -10.86
N LYS A 685 -36.88 25.33 -11.86
CA LYS A 685 -37.60 26.58 -12.20
C LYS A 685 -38.38 27.05 -10.97
N GLY A 686 -38.16 28.31 -10.60
CA GLY A 686 -38.83 28.91 -9.44
C GLY A 686 -38.23 28.54 -8.09
N LYS A 687 -37.12 27.81 -8.09
CA LYS A 687 -36.44 27.42 -6.86
C LYS A 687 -35.15 28.21 -6.71
N ASP A 688 -34.76 28.42 -5.45
CA ASP A 688 -33.46 28.99 -5.14
C ASP A 688 -32.47 27.84 -5.00
N VAL A 689 -31.36 27.95 -5.71
CA VAL A 689 -30.37 26.89 -5.80
C VAL A 689 -29.06 27.39 -5.22
N VAL A 690 -28.47 26.66 -4.28
CA VAL A 690 -27.12 26.98 -3.79
C VAL A 690 -26.18 25.86 -4.13
N SER A 691 -24.90 26.19 -4.11
CA SER A 691 -23.91 25.21 -4.53
C SER A 691 -24.05 23.93 -3.71
N PRO A 692 -23.84 22.76 -4.35
CA PRO A 692 -23.73 21.52 -3.59
C PRO A 692 -22.61 21.55 -2.54
N LEU A 693 -21.64 22.46 -2.71
CA LEU A 693 -20.56 22.60 -1.75
C LEU A 693 -21.01 23.20 -0.42
N ARG A 694 -22.17 23.84 -0.37
CA ARG A 694 -22.66 24.40 0.89
C ARG A 694 -23.16 23.30 1.79
N SER A 695 -23.08 23.51 3.10
CA SER A 695 -23.61 22.54 4.04
C SER A 695 -23.97 23.23 5.34
N ALA A 696 -24.75 22.53 6.15
CA ALA A 696 -25.23 23.07 7.41
C ALA A 696 -24.19 23.01 8.51
N PHE A 697 -23.22 22.12 8.35
CA PHE A 697 -22.21 21.89 9.36
C PHE A 697 -21.03 21.17 8.71
#